data_2CRN
#
_entry.id   2CRN
#
_entity_poly.entity_id   1
_entity_poly.type   'polypeptide(L)'
_entity_poly.pdbx_seq_one_letter_code
;GSSGSSGSSPSLLEPLLAMGFPVHTALKALAATGRKTAEEALAWLHDHCNDPSLDDPISGPSSG
;
_entity_poly.pdbx_strand_id   A
#
# COMPACT_ATOMS: atom_id res chain seq x y z
N GLY A 1 9.67 -6.14 22.21
CA GLY A 1 9.98 -7.54 22.37
C GLY A 1 10.50 -8.18 21.10
N SER A 2 11.11 -9.36 21.22
CA SER A 2 11.65 -10.07 20.06
C SER A 2 10.56 -10.86 19.37
N SER A 3 9.39 -10.26 19.22
CA SER A 3 8.27 -10.92 18.57
C SER A 3 8.53 -11.12 17.08
N GLY A 4 7.87 -12.12 16.49
CA GLY A 4 8.06 -12.40 15.08
C GLY A 4 6.78 -12.28 14.29
N SER A 5 6.88 -11.77 13.06
CA SER A 5 5.71 -11.61 12.20
C SER A 5 4.54 -11.03 12.99
N SER A 6 4.83 -10.01 13.80
CA SER A 6 3.79 -9.38 14.61
C SER A 6 3.26 -8.12 13.94
N GLY A 7 2.22 -8.28 13.13
CA GLY A 7 1.64 -7.15 12.43
C GLY A 7 0.20 -7.42 12.01
N SER A 8 -0.66 -7.69 12.98
CA SER A 8 -2.06 -7.96 12.70
C SER A 8 -2.89 -6.68 12.78
N SER A 9 -2.59 -5.86 13.78
CA SER A 9 -3.31 -4.61 13.97
C SER A 9 -2.96 -3.61 12.87
N PRO A 10 -3.97 -2.81 12.47
CA PRO A 10 -3.80 -1.80 11.42
C PRO A 10 -2.91 -0.63 11.87
N SER A 11 -1.73 -0.53 11.28
CA SER A 11 -0.79 0.53 11.63
C SER A 11 -0.42 1.35 10.39
N LEU A 12 0.35 0.74 9.50
CA LEU A 12 0.78 1.41 8.27
C LEU A 12 -0.34 1.40 7.23
N LEU A 13 -1.28 0.47 7.39
CA LEU A 13 -2.39 0.35 6.45
C LEU A 13 -3.39 1.49 6.66
N GLU A 14 -3.51 1.96 7.90
CA GLU A 14 -4.43 3.04 8.22
C GLU A 14 -4.37 4.14 7.16
N PRO A 15 -3.17 4.70 6.97
CA PRO A 15 -2.95 5.78 5.98
C PRO A 15 -3.05 5.27 4.54
N LEU A 16 -2.53 4.07 4.31
CA LEU A 16 -2.56 3.48 2.98
C LEU A 16 -3.98 3.01 2.62
N LEU A 17 -4.83 2.94 3.63
CA LEU A 17 -6.22 2.52 3.43
C LEU A 17 -7.14 3.72 3.25
N ALA A 18 -6.97 4.72 4.11
CA ALA A 18 -7.79 5.92 4.04
C ALA A 18 -7.56 6.67 2.74
N MET A 19 -6.41 6.42 2.12
CA MET A 19 -6.07 7.08 0.86
C MET A 19 -6.88 6.49 -0.29
N GLY A 20 -7.31 5.25 -0.13
CA GLY A 20 -8.08 4.59 -1.17
C GLY A 20 -7.51 3.24 -1.55
N PHE A 21 -6.20 3.08 -1.39
CA PHE A 21 -5.52 1.84 -1.73
C PHE A 21 -6.02 0.70 -0.84
N PRO A 22 -6.18 -0.49 -1.43
CA PRO A 22 -6.65 -1.68 -0.72
C PRO A 22 -5.61 -2.21 0.27
N VAL A 23 -5.80 -3.44 0.72
CA VAL A 23 -4.88 -4.07 1.66
C VAL A 23 -3.74 -4.78 0.93
N HIS A 24 -4.09 -5.71 0.06
CA HIS A 24 -3.10 -6.46 -0.71
C HIS A 24 -2.10 -5.52 -1.36
N THR A 25 -2.59 -4.38 -1.83
CA THR A 25 -1.73 -3.39 -2.48
C THR A 25 -0.88 -2.64 -1.46
N ALA A 26 -1.54 -2.01 -0.50
CA ALA A 26 -0.85 -1.26 0.54
C ALA A 26 0.25 -2.10 1.19
N LEU A 27 0.01 -3.41 1.27
CA LEU A 27 0.98 -4.31 1.88
C LEU A 27 2.20 -4.47 0.99
N LYS A 28 1.98 -4.60 -0.32
CA LYS A 28 3.07 -4.74 -1.28
C LYS A 28 4.02 -3.56 -1.20
N ALA A 29 3.47 -2.35 -1.26
CA ALA A 29 4.28 -1.14 -1.19
C ALA A 29 5.03 -1.05 0.14
N LEU A 30 4.38 -1.47 1.21
CA LEU A 30 4.99 -1.44 2.54
C LEU A 30 6.20 -2.36 2.59
N ALA A 31 5.98 -3.64 2.30
CA ALA A 31 7.07 -4.62 2.32
C ALA A 31 8.17 -4.24 1.35
N ALA A 32 7.80 -3.52 0.29
CA ALA A 32 8.77 -3.09 -0.72
C ALA A 32 9.63 -1.96 -0.20
N THR A 33 9.00 -0.95 0.39
CA THR A 33 9.71 0.19 0.94
C THR A 33 10.44 -0.17 2.23
N GLY A 34 9.92 -1.17 2.92
CA GLY A 34 10.53 -1.61 4.17
C GLY A 34 9.79 -1.09 5.39
N ARG A 35 8.47 -0.97 5.28
CA ARG A 35 7.66 -0.49 6.38
C ARG A 35 8.33 0.70 7.07
N LYS A 36 8.85 1.62 6.27
CA LYS A 36 9.52 2.80 6.80
C LYS A 36 8.50 3.86 7.21
N THR A 37 7.54 4.13 6.32
CA THR A 37 6.51 5.12 6.58
C THR A 37 5.43 5.09 5.51
N ALA A 38 4.22 5.53 5.88
CA ALA A 38 3.11 5.56 4.95
C ALA A 38 3.49 6.22 3.64
N GLU A 39 4.10 7.40 3.73
CA GLU A 39 4.51 8.15 2.55
C GLU A 39 5.33 7.26 1.61
N GLU A 40 6.33 6.58 2.17
CA GLU A 40 7.18 5.70 1.39
C GLU A 40 6.35 4.79 0.49
N ALA A 41 5.33 4.16 1.07
CA ALA A 41 4.46 3.27 0.31
C ALA A 41 3.89 3.96 -0.92
N LEU A 42 3.47 5.20 -0.76
CA LEU A 42 2.91 5.98 -1.86
C LEU A 42 3.92 6.12 -2.98
N ALA A 43 5.19 6.33 -2.62
CA ALA A 43 6.25 6.48 -3.61
C ALA A 43 6.46 5.20 -4.39
N TRP A 44 6.18 4.07 -3.76
CA TRP A 44 6.33 2.77 -4.39
C TRP A 44 5.10 2.41 -5.22
N LEU A 45 3.95 2.90 -4.79
CA LEU A 45 2.70 2.64 -5.50
C LEU A 45 2.57 3.50 -6.75
N HIS A 46 3.04 4.74 -6.65
CA HIS A 46 2.98 5.67 -7.77
C HIS A 46 3.95 5.24 -8.87
N ASP A 47 4.96 4.48 -8.50
CA ASP A 47 5.95 3.99 -9.46
C ASP A 47 5.59 2.60 -9.97
N HIS A 48 4.83 1.86 -9.17
CA HIS A 48 4.41 0.51 -9.54
C HIS A 48 3.05 0.54 -10.23
N CYS A 49 2.05 1.09 -9.54
CA CYS A 49 0.71 1.18 -10.08
C CYS A 49 0.74 1.42 -11.59
N ASN A 50 1.77 2.13 -12.04
CA ASN A 50 1.92 2.44 -13.46
C ASN A 50 2.73 1.36 -14.17
N ASP A 51 2.08 0.23 -14.46
CA ASP A 51 2.74 -0.87 -15.14
C ASP A 51 1.72 -1.88 -15.65
N PRO A 52 2.00 -2.47 -16.82
CA PRO A 52 1.12 -3.45 -17.45
C PRO A 52 1.09 -4.77 -16.69
N SER A 53 2.04 -4.94 -15.77
CA SER A 53 2.13 -6.16 -14.97
C SER A 53 1.37 -6.01 -13.66
N LEU A 54 1.04 -4.76 -13.31
CA LEU A 54 0.31 -4.48 -12.08
C LEU A 54 -1.06 -3.87 -12.39
N ASP A 55 -2.04 -4.73 -12.64
CA ASP A 55 -3.40 -4.28 -12.94
C ASP A 55 -4.10 -3.78 -11.68
N ASP A 56 -4.38 -2.49 -11.63
CA ASP A 56 -5.05 -1.89 -10.48
C ASP A 56 -5.92 -0.71 -10.91
N PRO A 57 -6.91 -0.37 -10.07
CA PRO A 57 -7.81 0.75 -10.34
C PRO A 57 -7.13 2.10 -10.26
N ILE A 58 -5.91 2.11 -9.72
CA ILE A 58 -5.15 3.35 -9.59
C ILE A 58 -4.80 3.92 -10.96
N SER A 59 -5.71 4.72 -11.51
CA SER A 59 -5.50 5.34 -12.81
C SER A 59 -4.34 6.32 -12.77
N GLY A 60 -3.37 6.11 -13.66
CA GLY A 60 -2.21 6.99 -13.71
C GLY A 60 -2.42 8.18 -14.62
N PRO A 61 -1.31 8.80 -15.05
CA PRO A 61 -1.35 9.97 -15.94
C PRO A 61 -1.83 9.62 -17.34
N SER A 62 -2.06 10.63 -18.16
CA SER A 62 -2.51 10.44 -19.53
C SER A 62 -1.65 9.41 -20.25
N SER A 63 -0.35 9.68 -20.30
CA SER A 63 0.60 8.79 -20.96
C SER A 63 0.72 7.47 -20.20
N GLY A 64 1.06 7.57 -18.92
CA GLY A 64 1.21 6.38 -18.10
C GLY A 64 -0.10 5.67 -17.87
N GLY A 1 -2.35 -21.49 11.95
CA GLY A 1 -1.09 -21.27 11.25
C GLY A 1 -0.28 -20.15 11.87
N SER A 2 1.00 -20.42 12.12
CA SER A 2 1.89 -19.44 12.72
C SER A 2 3.25 -19.44 12.03
N SER A 3 3.50 -18.41 11.23
CA SER A 3 4.76 -18.30 10.50
C SER A 3 5.65 -17.24 11.14
N GLY A 4 6.62 -17.70 11.93
CA GLY A 4 7.54 -16.78 12.59
C GLY A 4 6.82 -15.71 13.39
N SER A 5 5.81 -16.12 14.16
CA SER A 5 5.04 -15.18 14.96
C SER A 5 4.41 -14.11 14.08
N SER A 6 3.94 -14.52 12.90
CA SER A 6 3.32 -13.59 11.96
C SER A 6 2.14 -12.88 12.62
N GLY A 7 2.10 -11.56 12.47
CA GLY A 7 1.02 -10.77 13.05
C GLY A 7 1.10 -9.31 12.67
N SER A 8 0.87 -9.02 11.39
CA SER A 8 0.91 -7.66 10.90
C SER A 8 -0.25 -6.83 11.46
N SER A 9 -0.07 -5.51 11.47
CA SER A 9 -1.11 -4.62 11.99
C SER A 9 -1.54 -3.61 10.92
N PRO A 10 -2.83 -3.27 10.93
CA PRO A 10 -3.41 -2.32 9.97
C PRO A 10 -2.92 -0.90 10.21
N SER A 11 -2.04 -0.73 11.19
CA SER A 11 -1.50 0.58 11.52
C SER A 11 -0.93 1.27 10.28
N LEU A 12 0.02 0.61 9.62
CA LEU A 12 0.65 1.15 8.42
C LEU A 12 -0.34 1.18 7.26
N LEU A 13 -1.43 0.43 7.39
CA LEU A 13 -2.45 0.38 6.36
C LEU A 13 -3.45 1.51 6.52
N GLU A 14 -3.60 1.99 7.75
CA GLU A 14 -4.52 3.09 8.04
C GLU A 14 -4.44 4.17 6.96
N PRO A 15 -3.24 4.73 6.79
CA PRO A 15 -3.00 5.78 5.80
C PRO A 15 -3.06 5.26 4.37
N LEU A 16 -2.53 4.06 4.15
CA LEU A 16 -2.53 3.45 2.83
C LEU A 16 -3.93 2.98 2.45
N LEU A 17 -4.82 2.92 3.44
CA LEU A 17 -6.19 2.49 3.21
C LEU A 17 -7.12 3.68 3.01
N ALA A 18 -7.00 4.66 3.90
CA ALA A 18 -7.83 5.86 3.82
C ALA A 18 -7.53 6.65 2.54
N MET A 19 -6.37 6.40 1.96
CA MET A 19 -5.96 7.09 0.73
C MET A 19 -6.70 6.51 -0.48
N GLY A 20 -7.12 5.26 -0.37
CA GLY A 20 -7.83 4.61 -1.45
C GLY A 20 -7.28 3.23 -1.77
N PHE A 21 -5.97 3.07 -1.61
CA PHE A 21 -5.32 1.80 -1.89
C PHE A 21 -5.85 0.71 -0.96
N PRO A 22 -6.05 -0.50 -1.51
CA PRO A 22 -6.54 -1.64 -0.74
C PRO A 22 -5.52 -2.17 0.26
N VAL A 23 -5.75 -3.38 0.76
CA VAL A 23 -4.84 -3.99 1.71
C VAL A 23 -3.71 -4.73 1.02
N HIS A 24 -4.07 -5.69 0.18
CA HIS A 24 -3.08 -6.48 -0.56
C HIS A 24 -2.06 -5.56 -1.24
N THR A 25 -2.54 -4.44 -1.76
CA THR A 25 -1.67 -3.48 -2.44
C THR A 25 -0.82 -2.71 -1.45
N ALA A 26 -1.48 -2.06 -0.48
CA ALA A 26 -0.77 -1.29 0.53
C ALA A 26 0.33 -2.12 1.18
N LEU A 27 0.07 -3.41 1.34
CA LEU A 27 1.04 -4.31 1.95
C LEU A 27 2.25 -4.51 1.05
N LYS A 28 2.01 -4.60 -0.26
CA LYS A 28 3.07 -4.78 -1.22
C LYS A 28 4.10 -3.66 -1.14
N ALA A 29 3.61 -2.42 -1.23
CA ALA A 29 4.48 -1.25 -1.16
C ALA A 29 5.23 -1.21 0.17
N LEU A 30 4.52 -1.53 1.25
CA LEU A 30 5.12 -1.53 2.58
C LEU A 30 6.28 -2.53 2.66
N ALA A 31 5.99 -3.79 2.33
CA ALA A 31 7.00 -4.84 2.37
C ALA A 31 8.16 -4.51 1.43
N ALA A 32 7.86 -3.86 0.31
CA ALA A 32 8.88 -3.48 -0.66
C ALA A 32 9.79 -2.40 -0.11
N THR A 33 9.19 -1.27 0.26
CA THR A 33 9.95 -0.14 0.80
C THR A 33 10.76 -0.57 2.03
N GLY A 34 10.08 -1.15 3.01
CA GLY A 34 10.74 -1.58 4.21
C GLY A 34 9.96 -1.26 5.47
N ARG A 35 8.63 -1.42 5.39
CA ARG A 35 7.77 -1.14 6.53
C ARG A 35 8.27 0.09 7.30
N LYS A 36 8.70 1.11 6.57
CA LYS A 36 9.20 2.33 7.19
C LYS A 36 8.04 3.24 7.59
N THR A 37 7.34 3.77 6.59
CA THR A 37 6.21 4.67 6.84
C THR A 37 5.23 4.66 5.67
N ALA A 38 4.08 5.29 5.86
CA ALA A 38 3.07 5.37 4.81
C ALA A 38 3.63 6.03 3.56
N GLU A 39 4.11 7.26 3.71
CA GLU A 39 4.67 7.99 2.58
C GLU A 39 5.54 7.10 1.71
N GLU A 40 6.56 6.50 2.32
CA GLU A 40 7.47 5.61 1.59
C GLU A 40 6.69 4.67 0.67
N ALA A 41 5.55 4.20 1.16
CA ALA A 41 4.71 3.29 0.38
C ALA A 41 4.09 4.01 -0.82
N LEU A 42 3.67 5.26 -0.60
CA LEU A 42 3.06 6.05 -1.66
C LEU A 42 4.02 6.22 -2.84
N ALA A 43 5.30 6.34 -2.53
CA ALA A 43 6.32 6.51 -3.56
C ALA A 43 6.47 5.24 -4.39
N TRP A 44 6.13 4.11 -3.78
CA TRP A 44 6.24 2.82 -4.47
C TRP A 44 4.94 2.48 -5.19
N LEU A 45 3.83 3.04 -4.70
CA LEU A 45 2.53 2.79 -5.30
C LEU A 45 2.31 3.68 -6.53
N HIS A 46 2.92 4.85 -6.52
CA HIS A 46 2.80 5.79 -7.63
C HIS A 46 3.68 5.34 -8.81
N ASP A 47 4.58 4.39 -8.55
CA ASP A 47 5.47 3.88 -9.58
C ASP A 47 5.05 2.48 -10.00
N HIS A 48 4.31 1.79 -9.13
CA HIS A 48 3.85 0.44 -9.42
C HIS A 48 2.43 0.45 -9.96
N CYS A 49 1.59 1.32 -9.41
CA CYS A 49 0.21 1.43 -9.83
C CYS A 49 0.10 1.46 -11.35
N ASN A 50 -1.04 1.06 -11.88
CA ASN A 50 -1.26 1.03 -13.32
C ASN A 50 -0.51 -0.12 -13.97
N ASP A 51 -0.53 -1.27 -13.32
CA ASP A 51 0.15 -2.45 -13.83
C ASP A 51 -0.83 -3.60 -14.05
N PRO A 52 -0.58 -4.40 -15.10
CA PRO A 52 -1.44 -5.54 -15.44
C PRO A 52 -1.32 -6.68 -14.42
N SER A 53 -0.33 -6.57 -13.54
CA SER A 53 -0.12 -7.59 -12.52
C SER A 53 -0.66 -7.14 -11.16
N LEU A 54 -0.96 -5.85 -11.06
CA LEU A 54 -1.49 -5.28 -9.82
C LEU A 54 -2.90 -4.72 -10.04
N ASP A 55 -3.70 -5.45 -10.81
CA ASP A 55 -5.07 -5.04 -11.08
C ASP A 55 -5.75 -4.53 -9.81
N ASP A 56 -6.14 -3.26 -9.81
CA ASP A 56 -6.81 -2.66 -8.67
C ASP A 56 -8.19 -2.15 -9.05
N PRO A 57 -9.10 -2.10 -8.06
CA PRO A 57 -10.48 -1.65 -8.26
C PRO A 57 -10.54 -0.15 -8.53
N ILE A 58 -9.78 0.63 -7.78
CA ILE A 58 -9.76 2.08 -7.95
C ILE A 58 -9.78 2.46 -9.43
N SER A 59 -10.82 3.19 -9.82
CA SER A 59 -10.96 3.61 -11.22
C SER A 59 -10.85 2.42 -12.16
N GLY A 60 -11.50 1.32 -11.79
CA GLY A 60 -11.45 0.13 -12.63
C GLY A 60 -12.07 0.35 -13.99
N PRO A 61 -12.34 -0.75 -14.72
CA PRO A 61 -12.93 -0.69 -16.06
C PRO A 61 -14.39 -0.25 -16.02
N SER A 62 -14.78 0.57 -16.99
CA SER A 62 -16.15 1.07 -17.07
C SER A 62 -16.99 0.19 -17.98
N SER A 63 -16.44 -0.14 -19.15
CA SER A 63 -17.15 -0.98 -20.11
C SER A 63 -16.76 -2.44 -19.95
N GLY A 64 -15.46 -2.70 -19.94
CA GLY A 64 -14.97 -4.07 -19.80
C GLY A 64 -14.20 -4.27 -18.51
N GLY A 1 7.07 -20.66 23.05
CA GLY A 1 5.93 -19.89 22.61
C GLY A 1 6.29 -18.87 21.54
N SER A 2 5.28 -18.36 20.85
CA SER A 2 5.50 -17.37 19.79
C SER A 2 5.40 -15.96 20.34
N SER A 3 6.54 -15.29 20.50
CA SER A 3 6.59 -13.94 21.02
C SER A 3 6.22 -12.92 19.93
N GLY A 4 5.14 -12.19 20.16
CA GLY A 4 4.71 -11.20 19.19
C GLY A 4 3.20 -10.99 19.20
N SER A 5 2.71 -10.17 18.29
CA SER A 5 1.28 -9.89 18.21
C SER A 5 0.74 -10.22 16.81
N SER A 6 0.11 -11.38 16.70
CA SER A 6 -0.45 -11.82 15.43
C SER A 6 -1.38 -10.76 14.84
N GLY A 7 -2.29 -10.26 15.67
CA GLY A 7 -3.22 -9.24 15.22
C GLY A 7 -2.66 -7.83 15.37
N SER A 8 -1.56 -7.56 14.67
CA SER A 8 -0.93 -6.24 14.73
C SER A 8 -1.90 -5.16 14.27
N SER A 9 -2.19 -4.22 15.17
CA SER A 9 -3.10 -3.13 14.86
C SER A 9 -2.70 -2.44 13.57
N PRO A 10 -3.70 -1.93 12.83
CA PRO A 10 -3.47 -1.22 11.56
C PRO A 10 -2.80 0.12 11.76
N SER A 11 -1.50 0.18 11.47
CA SER A 11 -0.74 1.42 11.62
C SER A 11 -0.35 1.97 10.26
N LEU A 12 0.33 1.16 9.46
CA LEU A 12 0.77 1.57 8.13
C LEU A 12 -0.37 1.51 7.14
N LEU A 13 -1.30 0.58 7.38
CA LEU A 13 -2.46 0.41 6.49
C LEU A 13 -3.45 1.56 6.68
N GLU A 14 -3.55 2.06 7.90
CA GLU A 14 -4.46 3.15 8.20
C GLU A 14 -4.40 4.22 7.12
N PRO A 15 -3.21 4.78 6.91
CA PRO A 15 -2.99 5.83 5.90
C PRO A 15 -3.11 5.29 4.47
N LEU A 16 -2.58 4.09 4.26
CA LEU A 16 -2.62 3.46 2.94
C LEU A 16 -4.04 2.99 2.61
N LEU A 17 -4.90 2.94 3.62
CA LEU A 17 -6.28 2.52 3.44
C LEU A 17 -7.19 3.72 3.24
N ALA A 18 -7.03 4.73 4.09
CA ALA A 18 -7.84 5.93 4.00
C ALA A 18 -7.61 6.66 2.69
N MET A 19 -6.47 6.38 2.05
CA MET A 19 -6.12 7.00 0.78
C MET A 19 -6.93 6.40 -0.36
N GLY A 20 -7.36 5.16 -0.19
CA GLY A 20 -8.13 4.48 -1.21
C GLY A 20 -7.56 3.13 -1.58
N PHE A 21 -6.24 2.97 -1.38
CA PHE A 21 -5.56 1.73 -1.70
C PHE A 21 -6.04 0.60 -0.78
N PRO A 22 -6.22 -0.60 -1.36
CA PRO A 22 -6.67 -1.77 -0.61
C PRO A 22 -5.61 -2.29 0.35
N VAL A 23 -5.79 -3.52 0.82
CA VAL A 23 -4.85 -4.13 1.74
C VAL A 23 -3.72 -4.85 1.00
N HIS A 24 -4.09 -5.77 0.12
CA HIS A 24 -3.11 -6.52 -0.65
C HIS A 24 -2.12 -5.57 -1.33
N THR A 25 -2.62 -4.42 -1.76
CA THR A 25 -1.78 -3.43 -2.43
C THR A 25 -0.90 -2.69 -1.44
N ALA A 26 -1.52 -2.07 -0.43
CA ALA A 26 -0.79 -1.33 0.59
C ALA A 26 0.32 -2.19 1.19
N LEU A 27 0.06 -3.49 1.32
CA LEU A 27 1.02 -4.42 1.88
C LEU A 27 2.23 -4.57 0.96
N LYS A 28 1.97 -4.68 -0.33
CA LYS A 28 3.03 -4.82 -1.32
C LYS A 28 4.01 -3.66 -1.24
N ALA A 29 3.48 -2.44 -1.25
CA ALA A 29 4.30 -1.23 -1.19
C ALA A 29 5.07 -1.17 0.13
N LEU A 30 4.39 -1.52 1.22
CA LEU A 30 5.01 -1.51 2.55
C LEU A 30 6.24 -2.41 2.59
N ALA A 31 6.04 -3.68 2.27
CA ALA A 31 7.13 -4.65 2.27
C ALA A 31 8.21 -4.25 1.26
N ALA A 32 7.79 -3.70 0.14
CA ALA A 32 8.71 -3.27 -0.91
C ALA A 32 9.62 -2.16 -0.40
N THR A 33 9.02 -1.10 0.14
CA THR A 33 9.78 0.03 0.66
C THR A 33 10.59 -0.36 1.89
N GLY A 34 9.91 -0.98 2.86
CA GLY A 34 10.60 -1.40 4.07
C GLY A 34 9.86 -0.96 5.33
N ARG A 35 8.52 -0.97 5.26
CA ARG A 35 7.70 -0.58 6.40
C ARG A 35 8.35 0.56 7.16
N LYS A 36 8.91 1.53 6.43
CA LYS A 36 9.57 2.67 7.04
C LYS A 36 8.55 3.75 7.40
N THR A 37 7.89 4.30 6.40
CA THR A 37 6.89 5.34 6.61
C THR A 37 5.74 5.20 5.63
N ALA A 38 4.54 5.61 6.07
CA ALA A 38 3.36 5.53 5.23
C ALA A 38 3.60 6.14 3.86
N GLU A 39 4.28 7.29 3.84
CA GLU A 39 4.58 7.97 2.59
C GLU A 39 5.35 7.07 1.65
N GLU A 40 6.45 6.50 2.13
CA GLU A 40 7.28 5.61 1.32
C GLU A 40 6.42 4.74 0.42
N ALA A 41 5.40 4.12 1.01
CA ALA A 41 4.49 3.26 0.26
C ALA A 41 3.92 3.98 -0.95
N LEU A 42 3.49 5.23 -0.74
CA LEU A 42 2.92 6.03 -1.82
C LEU A 42 3.92 6.22 -2.96
N ALA A 43 5.20 6.34 -2.60
CA ALA A 43 6.25 6.52 -3.59
C ALA A 43 6.47 5.24 -4.39
N TRP A 44 6.16 4.10 -3.78
CA TRP A 44 6.33 2.81 -4.44
C TRP A 44 5.09 2.45 -5.26
N LEU A 45 3.93 2.95 -4.82
CA LEU A 45 2.68 2.68 -5.52
C LEU A 45 2.55 3.55 -6.76
N HIS A 46 3.02 4.80 -6.66
CA HIS A 46 2.95 5.73 -7.78
C HIS A 46 3.95 5.34 -8.86
N ASP A 47 4.96 4.54 -8.49
CA ASP A 47 5.97 4.10 -9.44
C ASP A 47 5.64 2.72 -9.99
N HIS A 48 4.88 1.94 -9.21
CA HIS A 48 4.49 0.60 -9.62
C HIS A 48 3.14 0.62 -10.34
N CYS A 49 2.16 1.24 -9.69
CA CYS A 49 0.82 1.33 -10.27
C CYS A 49 0.88 1.58 -11.77
N ASN A 50 1.94 2.27 -12.21
CA ASN A 50 2.12 2.58 -13.62
C ASN A 50 1.89 1.34 -14.48
N ASP A 51 2.62 0.28 -14.18
CA ASP A 51 2.50 -0.97 -14.93
C ASP A 51 1.07 -1.50 -14.89
N PRO A 52 0.62 -2.09 -15.99
CA PRO A 52 -0.74 -2.64 -16.11
C PRO A 52 -0.93 -3.89 -15.24
N SER A 53 0.17 -4.59 -14.97
CA SER A 53 0.12 -5.79 -14.16
C SER A 53 -0.53 -5.52 -12.80
N LEU A 54 -0.66 -4.23 -12.48
CA LEU A 54 -1.26 -3.83 -11.21
C LEU A 54 -2.57 -3.09 -11.44
N ASP A 55 -3.64 -3.83 -11.67
CA ASP A 55 -4.96 -3.25 -11.92
C ASP A 55 -5.55 -2.69 -10.62
N ASP A 56 -6.46 -1.74 -10.76
CA ASP A 56 -7.10 -1.13 -9.59
C ASP A 56 -8.48 -0.59 -9.96
N PRO A 57 -9.42 -0.68 -9.00
CA PRO A 57 -10.79 -0.21 -9.20
C PRO A 57 -10.88 1.31 -9.28
N ILE A 58 -9.80 1.98 -8.90
CA ILE A 58 -9.76 3.43 -8.94
C ILE A 58 -9.98 3.96 -10.35
N SER A 59 -10.65 5.11 -10.44
CA SER A 59 -10.94 5.72 -11.74
C SER A 59 -9.70 6.41 -12.31
N GLY A 60 -9.12 7.31 -11.51
CA GLY A 60 -7.93 8.03 -11.95
C GLY A 60 -8.25 9.42 -12.46
N PRO A 61 -8.37 10.38 -11.53
CA PRO A 61 -8.68 11.77 -11.88
C PRO A 61 -7.52 12.47 -12.58
N SER A 62 -6.45 11.72 -12.83
CA SER A 62 -5.27 12.26 -13.50
C SER A 62 -5.25 11.83 -14.97
N SER A 63 -5.31 12.82 -15.86
CA SER A 63 -5.30 12.54 -17.30
C SER A 63 -4.38 11.37 -17.61
N GLY A 64 -4.81 10.53 -18.55
CA GLY A 64 -4.02 9.37 -18.93
C GLY A 64 -4.50 8.74 -20.21
N GLY A 1 18.81 -0.64 12.52
CA GLY A 1 18.45 -1.72 11.62
C GLY A 1 17.33 -2.59 12.17
N SER A 2 17.17 -3.78 11.60
CA SER A 2 16.14 -4.71 12.04
C SER A 2 16.72 -5.77 12.96
N SER A 3 15.87 -6.32 13.83
CA SER A 3 16.29 -7.36 14.76
C SER A 3 15.96 -8.75 14.22
N GLY A 4 14.68 -9.00 13.98
CA GLY A 4 14.26 -10.29 13.47
C GLY A 4 12.89 -10.23 12.82
N SER A 5 11.97 -11.06 13.31
CA SER A 5 10.62 -11.10 12.77
C SER A 5 9.63 -10.46 13.73
N SER A 6 9.14 -9.28 13.36
CA SER A 6 8.18 -8.55 14.19
C SER A 6 6.76 -8.74 13.66
N GLY A 7 5.79 -8.66 14.58
CA GLY A 7 4.40 -8.83 14.20
C GLY A 7 3.94 -7.79 13.19
N SER A 8 2.69 -7.88 12.77
CA SER A 8 2.12 -6.94 11.81
C SER A 8 0.95 -6.18 12.41
N SER A 9 0.60 -5.06 11.78
CA SER A 9 -0.50 -4.23 12.26
C SER A 9 -1.00 -3.31 11.15
N PRO A 10 -2.32 -3.06 11.14
CA PRO A 10 -2.96 -2.18 10.15
C PRO A 10 -2.58 -0.72 10.33
N SER A 11 -1.75 -0.44 11.34
CA SER A 11 -1.32 0.91 11.63
C SER A 11 -0.78 1.59 10.37
N LEU A 12 0.14 0.92 9.70
CA LEU A 12 0.73 1.46 8.48
C LEU A 12 -0.27 1.45 7.33
N LEU A 13 -1.30 0.62 7.46
CA LEU A 13 -2.33 0.52 6.44
C LEU A 13 -3.37 1.62 6.60
N GLU A 14 -3.54 2.09 7.83
CA GLU A 14 -4.50 3.16 8.12
C GLU A 14 -4.45 4.24 7.04
N PRO A 15 -3.27 4.85 6.88
CA PRO A 15 -3.06 5.91 5.88
C PRO A 15 -3.11 5.39 4.45
N LEU A 16 -2.53 4.21 4.24
CA LEU A 16 -2.51 3.59 2.92
C LEU A 16 -3.90 3.07 2.54
N LEU A 17 -4.79 3.00 3.52
CA LEU A 17 -6.15 2.51 3.29
C LEU A 17 -7.10 3.68 3.09
N ALA A 18 -7.03 4.67 3.99
CA ALA A 18 -7.89 5.84 3.91
C ALA A 18 -7.63 6.62 2.63
N MET A 19 -6.47 6.40 2.03
CA MET A 19 -6.09 7.09 0.80
C MET A 19 -6.84 6.50 -0.39
N GLY A 20 -7.25 5.24 -0.27
CA GLY A 20 -7.97 4.59 -1.36
C GLY A 20 -7.36 3.26 -1.72
N PHE A 21 -6.05 3.12 -1.54
CA PHE A 21 -5.36 1.88 -1.85
C PHE A 21 -5.85 0.73 -0.98
N PRO A 22 -6.00 -0.45 -1.58
CA PRO A 22 -6.47 -1.65 -0.88
C PRO A 22 -5.45 -2.18 0.12
N VAL A 23 -5.64 -3.42 0.55
CA VAL A 23 -4.73 -4.04 1.50
C VAL A 23 -3.57 -4.72 0.79
N HIS A 24 -3.89 -5.64 -0.12
CA HIS A 24 -2.86 -6.36 -0.87
C HIS A 24 -1.87 -5.39 -1.49
N THR A 25 -2.36 -4.24 -1.93
CA THR A 25 -1.51 -3.23 -2.55
C THR A 25 -0.69 -2.48 -1.51
N ALA A 26 -1.38 -1.90 -0.53
CA ALA A 26 -0.72 -1.16 0.53
C ALA A 26 0.38 -2.00 1.19
N LEU A 27 0.14 -3.30 1.26
CA LEU A 27 1.11 -4.21 1.87
C LEU A 27 2.36 -4.34 1.00
N LYS A 28 2.16 -4.50 -0.30
CA LYS A 28 3.27 -4.62 -1.24
C LYS A 28 4.22 -3.43 -1.12
N ALA A 29 3.65 -2.22 -1.17
CA ALA A 29 4.45 -1.01 -1.06
C ALA A 29 5.19 -0.94 0.27
N LEU A 30 4.52 -1.36 1.34
CA LEU A 30 5.12 -1.35 2.67
C LEU A 30 6.33 -2.29 2.72
N ALA A 31 6.11 -3.54 2.38
CA ALA A 31 7.17 -4.54 2.39
C ALA A 31 8.27 -4.18 1.39
N ALA A 32 7.87 -3.56 0.28
CA ALA A 32 8.82 -3.16 -0.75
C ALA A 32 9.75 -2.08 -0.25
N THR A 33 9.18 -1.04 0.35
CA THR A 33 9.97 0.07 0.88
C THR A 33 10.79 -0.37 2.08
N GLY A 34 10.13 -0.95 3.07
CA GLY A 34 10.82 -1.40 4.26
C GLY A 34 10.07 -1.06 5.53
N ARG A 35 8.74 -1.15 5.48
CA ARG A 35 7.91 -0.85 6.63
C ARG A 35 8.46 0.37 7.40
N LYS A 36 8.97 1.34 6.65
CA LYS A 36 9.53 2.55 7.25
C LYS A 36 8.42 3.51 7.64
N THR A 37 7.68 4.00 6.63
CA THR A 37 6.59 4.93 6.87
C THR A 37 5.58 4.90 5.74
N ALA A 38 4.34 5.27 6.05
CA ALA A 38 3.27 5.28 5.04
C ALA A 38 3.73 5.96 3.76
N GLU A 39 4.18 7.20 3.89
CA GLU A 39 4.65 7.97 2.74
C GLU A 39 5.43 7.09 1.78
N GLU A 40 6.52 6.51 2.27
CA GLU A 40 7.36 5.62 1.45
C GLU A 40 6.50 4.72 0.57
N ALA A 41 5.48 4.12 1.16
CA ALA A 41 4.58 3.23 0.43
C ALA A 41 4.00 3.92 -0.80
N LEU A 42 3.57 5.17 -0.61
CA LEU A 42 2.99 5.94 -1.71
C LEU A 42 3.98 6.10 -2.85
N ALA A 43 5.26 6.30 -2.50
CA ALA A 43 6.31 6.46 -3.50
C ALA A 43 6.47 5.19 -4.33
N TRP A 44 6.09 4.06 -3.74
CA TRP A 44 6.20 2.77 -4.43
C TRP A 44 4.92 2.44 -5.18
N LEU A 45 3.80 2.92 -4.65
CA LEU A 45 2.50 2.67 -5.27
C LEU A 45 2.35 3.50 -6.55
N HIS A 46 2.83 4.73 -6.51
CA HIS A 46 2.75 5.63 -7.66
C HIS A 46 3.58 5.09 -8.83
N ASP A 47 4.54 4.25 -8.51
CA ASP A 47 5.41 3.66 -9.53
C ASP A 47 4.96 2.24 -9.87
N HIS A 48 4.41 1.54 -8.88
CA HIS A 48 3.95 0.18 -9.07
C HIS A 48 2.42 0.13 -9.15
N CYS A 49 1.84 1.14 -9.79
CA CYS A 49 0.39 1.22 -9.95
C CYS A 49 -0.02 1.06 -11.41
N ASN A 50 0.75 1.69 -12.30
CA ASN A 50 0.48 1.63 -13.73
C ASN A 50 1.06 0.36 -14.34
N ASP A 51 0.85 -0.77 -13.66
CA ASP A 51 1.34 -2.05 -14.13
C ASP A 51 0.19 -2.99 -14.46
N PRO A 52 0.36 -3.81 -15.50
CA PRO A 52 -0.65 -4.77 -15.94
C PRO A 52 -0.82 -5.92 -14.95
N SER A 53 0.18 -6.15 -14.12
CA SER A 53 0.14 -7.22 -13.13
C SER A 53 -0.34 -6.69 -11.79
N LEU A 54 -0.37 -5.36 -11.66
CA LEU A 54 -0.82 -4.73 -10.42
C LEU A 54 -2.09 -3.93 -10.65
N ASP A 55 -3.02 -4.50 -11.39
CA ASP A 55 -4.29 -3.84 -11.68
C ASP A 55 -5.08 -3.60 -10.41
N ASP A 56 -5.34 -2.33 -10.11
CA ASP A 56 -6.08 -1.96 -8.91
C ASP A 56 -7.58 -1.87 -9.21
N PRO A 57 -8.41 -2.03 -8.16
CA PRO A 57 -9.86 -1.97 -8.29
C PRO A 57 -10.36 -0.55 -8.58
N ILE A 58 -9.61 0.44 -8.11
CA ILE A 58 -9.98 1.84 -8.32
C ILE A 58 -10.15 2.14 -9.81
N SER A 59 -9.26 1.59 -10.63
CA SER A 59 -9.31 1.81 -12.07
C SER A 59 -9.64 3.26 -12.39
N GLY A 60 -9.32 4.15 -11.46
CA GLY A 60 -9.59 5.57 -11.66
C GLY A 60 -10.63 6.10 -10.71
N PRO A 61 -11.90 6.11 -11.14
CA PRO A 61 -13.01 6.60 -10.32
C PRO A 61 -13.32 5.67 -9.15
N SER A 62 -13.10 6.17 -7.93
CA SER A 62 -13.36 5.39 -6.73
C SER A 62 -14.84 5.39 -6.38
N SER A 63 -15.45 4.21 -6.42
CA SER A 63 -16.87 4.07 -6.12
C SER A 63 -17.17 4.54 -4.70
N GLY A 64 -18.07 5.51 -4.58
CA GLY A 64 -18.43 6.04 -3.27
C GLY A 64 -17.55 7.19 -2.85
N GLY A 1 -6.31 -7.58 26.77
CA GLY A 1 -4.93 -7.81 27.13
C GLY A 1 -4.25 -8.80 26.21
N SER A 2 -3.07 -8.43 25.72
CA SER A 2 -2.31 -9.29 24.81
C SER A 2 -0.87 -8.81 24.67
N SER A 3 -0.07 -9.57 23.96
CA SER A 3 1.34 -9.23 23.75
C SER A 3 1.47 -7.76 23.33
N GLY A 4 0.86 -7.40 22.22
CA GLY A 4 0.92 -6.04 21.73
C GLY A 4 1.39 -5.96 20.29
N SER A 5 2.70 -6.04 20.10
CA SER A 5 3.27 -5.95 18.75
C SER A 5 3.12 -7.29 18.02
N SER A 6 2.80 -7.23 16.74
CA SER A 6 2.61 -8.42 15.93
C SER A 6 3.29 -8.26 14.57
N GLY A 7 3.27 -9.34 13.78
CA GLY A 7 3.88 -9.29 12.46
C GLY A 7 3.11 -8.42 11.49
N SER A 8 1.80 -8.65 11.39
CA SER A 8 0.95 -7.88 10.49
C SER A 8 -0.05 -7.04 11.28
N SER A 9 -0.22 -5.79 10.86
CA SER A 9 -1.14 -4.88 11.54
C SER A 9 -1.62 -3.79 10.57
N PRO A 10 -2.91 -3.42 10.70
CA PRO A 10 -3.52 -2.39 9.85
C PRO A 10 -2.98 -1.00 10.16
N SER A 11 -2.04 -0.92 11.08
CA SER A 11 -1.45 0.35 11.48
C SER A 11 -0.98 1.13 10.25
N LEU A 12 0.14 0.69 9.67
CA LEU A 12 0.69 1.35 8.50
C LEU A 12 -0.31 1.34 7.34
N LEU A 13 -1.36 0.55 7.48
CA LEU A 13 -2.39 0.45 6.47
C LEU A 13 -3.42 1.56 6.61
N GLU A 14 -3.60 2.03 7.85
CA GLU A 14 -4.56 3.10 8.12
C GLU A 14 -4.48 4.19 7.05
N PRO A 15 -3.28 4.78 6.90
CA PRO A 15 -3.06 5.84 5.92
C PRO A 15 -3.10 5.33 4.49
N LEU A 16 -2.53 4.14 4.27
CA LEU A 16 -2.51 3.53 2.95
C LEU A 16 -3.89 3.02 2.55
N LEU A 17 -4.79 2.96 3.53
CA LEU A 17 -6.15 2.50 3.28
C LEU A 17 -7.11 3.67 3.08
N ALA A 18 -7.03 4.64 3.98
CA ALA A 18 -7.87 5.83 3.90
C ALA A 18 -7.60 6.62 2.63
N MET A 19 -6.44 6.38 2.03
CA MET A 19 -6.05 7.07 0.81
C MET A 19 -6.79 6.49 -0.40
N GLY A 20 -7.20 5.23 -0.29
CA GLY A 20 -7.91 4.58 -1.39
C GLY A 20 -7.34 3.21 -1.72
N PHE A 21 -6.04 3.06 -1.52
CA PHE A 21 -5.37 1.79 -1.81
C PHE A 21 -5.89 0.68 -0.89
N PRO A 22 -6.08 -0.52 -1.46
CA PRO A 22 -6.58 -1.68 -0.71
C PRO A 22 -5.55 -2.20 0.29
N VAL A 23 -5.76 -3.42 0.77
CA VAL A 23 -4.87 -4.04 1.74
C VAL A 23 -3.72 -4.76 1.03
N HIS A 24 -4.07 -5.70 0.16
CA HIS A 24 -3.08 -6.47 -0.58
C HIS A 24 -2.06 -5.54 -1.25
N THR A 25 -2.54 -4.40 -1.73
CA THR A 25 -1.67 -3.42 -2.39
C THR A 25 -0.83 -2.66 -1.37
N ALA A 26 -1.49 -2.03 -0.40
CA ALA A 26 -0.80 -1.28 0.63
C ALA A 26 0.28 -2.12 1.31
N LEU A 27 0.03 -3.42 1.41
CA LEU A 27 0.98 -4.33 2.03
C LEU A 27 2.22 -4.50 1.15
N LYS A 28 2.00 -4.69 -0.15
CA LYS A 28 3.10 -4.86 -1.09
C LYS A 28 4.07 -3.69 -1.01
N ALA A 29 3.54 -2.48 -1.08
CA ALA A 29 4.36 -1.27 -1.02
C ALA A 29 5.11 -1.20 0.30
N LEU A 30 4.43 -1.55 1.39
CA LEU A 30 5.03 -1.52 2.72
C LEU A 30 6.23 -2.45 2.80
N ALA A 31 6.01 -3.72 2.48
CA ALA A 31 7.07 -4.72 2.51
C ALA A 31 8.21 -4.34 1.57
N ALA A 32 7.86 -3.72 0.45
CA ALA A 32 8.85 -3.29 -0.53
C ALA A 32 9.76 -2.21 0.03
N THR A 33 9.16 -1.08 0.41
CA THR A 33 9.91 0.04 0.97
C THR A 33 10.71 -0.39 2.19
N GLY A 34 10.04 -1.06 3.13
CA GLY A 34 10.71 -1.52 4.33
C GLY A 34 9.92 -1.20 5.59
N ARG A 35 8.60 -1.37 5.52
CA ARG A 35 7.73 -1.10 6.65
C ARG A 35 8.24 0.11 7.44
N LYS A 36 8.61 1.16 6.72
CA LYS A 36 9.11 2.38 7.35
C LYS A 36 7.96 3.32 7.71
N THR A 37 7.20 3.74 6.70
CA THR A 37 6.08 4.63 6.91
C THR A 37 5.07 4.54 5.76
N ALA A 38 3.99 5.31 5.86
CA ALA A 38 2.97 5.32 4.82
C ALA A 38 3.47 5.99 3.55
N GLU A 39 4.03 7.19 3.70
CA GLU A 39 4.55 7.93 2.56
C GLU A 39 5.40 7.04 1.67
N GLU A 40 6.45 6.46 2.24
CA GLU A 40 7.34 5.58 1.50
C GLU A 40 6.55 4.67 0.56
N ALA A 41 5.46 4.12 1.07
CA ALA A 41 4.62 3.23 0.28
C ALA A 41 4.02 3.96 -0.92
N LEU A 42 3.56 5.19 -0.69
CA LEU A 42 2.97 6.00 -1.76
C LEU A 42 3.95 6.15 -2.92
N ALA A 43 5.24 6.27 -2.61
CA ALA A 43 6.26 6.42 -3.63
C ALA A 43 6.43 5.15 -4.43
N TRP A 44 6.16 4.02 -3.80
CA TRP A 44 6.28 2.71 -4.47
C TRP A 44 5.02 2.39 -5.26
N LEU A 45 3.90 2.96 -4.84
CA LEU A 45 2.62 2.73 -5.50
C LEU A 45 2.47 3.63 -6.71
N HIS A 46 3.00 4.85 -6.60
CA HIS A 46 2.92 5.83 -7.69
C HIS A 46 3.84 5.43 -8.83
N ASP A 47 4.82 4.59 -8.53
CA ASP A 47 5.77 4.14 -9.54
C ASP A 47 5.37 2.77 -10.09
N HIS A 48 4.71 1.97 -9.26
CA HIS A 48 4.27 0.64 -9.66
C HIS A 48 2.92 0.70 -10.36
N CYS A 49 1.95 1.33 -9.72
CA CYS A 49 0.60 1.46 -10.28
C CYS A 49 0.67 1.62 -11.80
N ASN A 50 1.66 2.36 -12.27
CA ASN A 50 1.83 2.59 -13.70
C ASN A 50 2.03 1.27 -14.44
N ASP A 51 2.97 0.46 -13.96
CA ASP A 51 3.26 -0.82 -14.58
C ASP A 51 1.97 -1.52 -15.01
N PRO A 52 2.06 -2.29 -16.12
CA PRO A 52 0.91 -3.01 -16.66
C PRO A 52 0.48 -4.17 -15.77
N SER A 53 1.44 -4.76 -15.05
CA SER A 53 1.17 -5.88 -14.16
C SER A 53 0.14 -5.49 -13.12
N LEU A 54 -0.13 -4.20 -13.00
CA LEU A 54 -1.10 -3.69 -12.03
C LEU A 54 -2.21 -2.92 -12.72
N ASP A 55 -3.18 -3.64 -13.26
CA ASP A 55 -4.31 -3.02 -13.94
C ASP A 55 -4.69 -1.70 -13.28
N ASP A 56 -4.91 -1.74 -11.97
CA ASP A 56 -5.27 -0.55 -11.22
C ASP A 56 -5.10 -0.78 -9.72
N PRO A 57 -4.68 0.28 -9.01
CA PRO A 57 -4.46 0.21 -7.56
C PRO A 57 -5.75 0.09 -6.78
N ILE A 58 -6.71 0.97 -7.08
CA ILE A 58 -8.00 0.96 -6.41
C ILE A 58 -8.85 -0.21 -6.88
N SER A 59 -9.32 -1.01 -5.93
CA SER A 59 -10.15 -2.18 -6.25
C SER A 59 -11.58 -1.98 -5.76
N GLY A 60 -12.04 -0.73 -5.77
CA GLY A 60 -13.39 -0.43 -5.31
C GLY A 60 -13.86 0.93 -5.79
N PRO A 61 -14.37 0.99 -7.03
CA PRO A 61 -14.87 2.24 -7.61
C PRO A 61 -16.16 2.72 -6.96
N SER A 62 -16.02 3.65 -6.02
CA SER A 62 -17.18 4.19 -5.30
C SER A 62 -16.99 5.67 -5.00
N SER A 63 -18.09 6.39 -4.85
CA SER A 63 -18.04 7.81 -4.56
C SER A 63 -18.57 8.09 -3.16
N GLY A 64 -17.67 8.55 -2.28
CA GLY A 64 -18.05 8.85 -0.92
C GLY A 64 -16.88 8.83 0.04
N GLY A 1 1.20 -18.90 25.28
CA GLY A 1 2.12 -19.57 24.39
C GLY A 1 2.08 -19.01 22.99
N SER A 2 2.36 -17.71 22.86
CA SER A 2 2.34 -17.05 21.56
C SER A 2 3.16 -15.76 21.60
N SER A 3 4.06 -15.61 20.64
CA SER A 3 4.91 -14.43 20.56
C SER A 3 4.76 -13.73 19.21
N GLY A 4 4.44 -12.43 19.25
CA GLY A 4 4.27 -11.68 18.03
C GLY A 4 5.38 -11.93 17.03
N SER A 5 5.10 -12.74 16.02
CA SER A 5 6.09 -13.06 14.99
C SER A 5 5.99 -12.09 13.82
N SER A 6 7.11 -11.86 13.15
CA SER A 6 7.15 -10.95 12.00
C SER A 6 5.87 -11.06 11.18
N GLY A 7 5.36 -9.93 10.73
CA GLY A 7 4.14 -9.92 9.94
C GLY A 7 3.72 -8.52 9.54
N SER A 8 2.49 -8.39 9.03
CA SER A 8 1.98 -7.09 8.61
C SER A 8 1.01 -6.54 9.64
N SER A 9 1.03 -5.22 9.82
CA SER A 9 0.16 -4.57 10.79
C SER A 9 -0.74 -3.54 10.09
N PRO A 10 -1.98 -3.43 10.57
CA PRO A 10 -2.97 -2.49 10.02
C PRO A 10 -2.62 -1.04 10.31
N SER A 11 -1.63 -0.84 11.17
CA SER A 11 -1.19 0.50 11.53
C SER A 11 -0.81 1.31 10.30
N LEU A 12 0.15 0.79 9.52
CA LEU A 12 0.61 1.46 8.32
C LEU A 12 -0.48 1.45 7.25
N LEU A 13 -1.41 0.51 7.36
CA LEU A 13 -2.51 0.39 6.40
C LEU A 13 -3.51 1.52 6.59
N GLU A 14 -3.66 1.99 7.83
CA GLU A 14 -4.58 3.08 8.14
C GLU A 14 -4.50 4.17 7.08
N PRO A 15 -3.31 4.75 6.92
CA PRO A 15 -3.07 5.82 5.94
C PRO A 15 -3.13 5.32 4.50
N LEU A 16 -2.59 4.13 4.27
CA LEU A 16 -2.59 3.54 2.93
C LEU A 16 -3.99 3.06 2.55
N LEU A 17 -4.88 2.99 3.53
CA LEU A 17 -6.25 2.55 3.30
C LEU A 17 -7.17 3.76 3.11
N ALA A 18 -7.05 4.75 3.99
CA ALA A 18 -7.87 5.95 3.92
C ALA A 18 -7.60 6.72 2.64
N MET A 19 -6.45 6.47 2.04
CA MET A 19 -6.08 7.15 0.79
C MET A 19 -6.84 6.56 -0.39
N GLY A 20 -7.21 5.30 -0.28
CA GLY A 20 -7.95 4.64 -1.35
C GLY A 20 -7.36 3.28 -1.71
N PHE A 21 -6.06 3.13 -1.47
CA PHE A 21 -5.38 1.87 -1.78
C PHE A 21 -5.86 0.75 -0.86
N PRO A 22 -6.05 -0.45 -1.45
CA PRO A 22 -6.51 -1.62 -0.71
C PRO A 22 -5.47 -2.14 0.26
N VAL A 23 -5.66 -3.38 0.72
CA VAL A 23 -4.73 -4.00 1.66
C VAL A 23 -3.61 -4.72 0.92
N HIS A 24 -3.97 -5.67 0.08
CA HIS A 24 -3.00 -6.44 -0.70
C HIS A 24 -1.99 -5.51 -1.37
N THR A 25 -2.47 -4.36 -1.83
CA THR A 25 -1.62 -3.38 -2.49
C THR A 25 -0.73 -2.65 -1.49
N ALA A 26 -1.36 -1.99 -0.52
CA ALA A 26 -0.63 -1.26 0.50
C ALA A 26 0.47 -2.11 1.11
N LEU A 27 0.19 -3.40 1.27
CA LEU A 27 1.17 -4.32 1.85
C LEU A 27 2.38 -4.48 0.92
N LYS A 28 2.11 -4.68 -0.36
CA LYS A 28 3.18 -4.84 -1.35
C LYS A 28 4.11 -3.64 -1.33
N ALA A 29 3.55 -2.45 -1.40
CA ALA A 29 4.33 -1.22 -1.40
C ALA A 29 5.08 -1.06 -0.08
N LEU A 30 4.41 -1.37 1.03
CA LEU A 30 5.01 -1.26 2.35
C LEU A 30 6.24 -2.14 2.46
N ALA A 31 6.03 -3.45 2.38
CA ALA A 31 7.13 -4.40 2.48
C ALA A 31 8.26 -4.04 1.50
N ALA A 32 7.89 -3.43 0.38
CA ALA A 32 8.86 -3.04 -0.63
C ALA A 32 9.76 -1.91 -0.12
N THR A 33 9.14 -0.92 0.53
CA THR A 33 9.89 0.21 1.07
C THR A 33 10.19 0.01 2.55
N GLY A 34 10.81 -1.12 2.87
CA GLY A 34 11.15 -1.41 4.26
C GLY A 34 10.03 -1.09 5.21
N ARG A 35 8.81 -1.02 4.69
CA ARG A 35 7.64 -0.72 5.50
C ARG A 35 8.00 0.25 6.63
N LYS A 36 8.71 1.32 6.27
CA LYS A 36 9.12 2.33 7.23
C LYS A 36 7.94 3.22 7.62
N THR A 37 7.37 3.89 6.61
CA THR A 37 6.24 4.78 6.84
C THR A 37 5.30 4.79 5.64
N ALA A 38 4.06 5.20 5.87
CA ALA A 38 3.06 5.26 4.81
C ALA A 38 3.61 5.97 3.58
N GLU A 39 4.12 7.18 3.78
CA GLU A 39 4.68 7.98 2.69
C GLU A 39 5.49 7.10 1.75
N GLU A 40 6.53 6.48 2.27
CA GLU A 40 7.39 5.61 1.47
C GLU A 40 6.56 4.72 0.55
N ALA A 41 5.53 4.09 1.12
CA ALA A 41 4.65 3.22 0.35
C ALA A 41 4.07 3.95 -0.86
N LEU A 42 3.59 5.17 -0.64
CA LEU A 42 3.01 5.97 -1.71
C LEU A 42 3.99 6.13 -2.86
N ALA A 43 5.27 6.33 -2.53
CA ALA A 43 6.31 6.50 -3.53
C ALA A 43 6.48 5.23 -4.36
N TRP A 44 6.09 4.10 -3.78
CA TRP A 44 6.20 2.82 -4.47
C TRP A 44 4.93 2.50 -5.24
N LEU A 45 3.80 2.99 -4.74
CA LEU A 45 2.51 2.76 -5.39
C LEU A 45 2.37 3.59 -6.66
N HIS A 46 2.89 4.82 -6.61
CA HIS A 46 2.83 5.72 -7.76
C HIS A 46 3.73 5.21 -8.88
N ASP A 47 4.67 4.34 -8.55
CA ASP A 47 5.59 3.78 -9.53
C ASP A 47 5.19 2.36 -9.91
N HIS A 48 4.53 1.68 -8.98
CA HIS A 48 4.09 0.30 -9.22
C HIS A 48 2.57 0.24 -9.36
N CYS A 49 2.01 1.20 -10.10
CA CYS A 49 0.56 1.24 -10.32
C CYS A 49 0.22 0.84 -11.75
N ASN A 50 1.04 1.27 -12.70
CA ASN A 50 0.81 0.95 -14.10
C ASN A 50 0.57 -0.55 -14.29
N ASP A 51 1.45 -1.35 -13.73
CA ASP A 51 1.34 -2.80 -13.83
C ASP A 51 -0.12 -3.25 -13.68
N PRO A 52 -0.49 -4.29 -14.43
CA PRO A 52 -1.85 -4.83 -14.39
C PRO A 52 -2.17 -5.54 -13.07
N SER A 53 -1.24 -6.39 -12.64
CA SER A 53 -1.42 -7.13 -11.39
C SER A 53 -1.52 -6.18 -10.21
N LEU A 54 -1.13 -4.93 -10.42
CA LEU A 54 -1.18 -3.92 -9.37
C LEU A 54 -2.20 -2.84 -9.70
N ASP A 55 -3.35 -3.26 -10.21
CA ASP A 55 -4.42 -2.34 -10.57
C ASP A 55 -5.38 -2.13 -9.40
N ASP A 56 -6.19 -1.08 -9.47
CA ASP A 56 -7.15 -0.78 -8.42
C ASP A 56 -8.54 -0.52 -9.01
N PRO A 57 -9.58 -0.87 -8.23
CA PRO A 57 -10.96 -0.67 -8.66
C PRO A 57 -11.36 0.80 -8.70
N ILE A 58 -10.42 1.67 -8.35
CA ILE A 58 -10.69 3.11 -8.35
C ILE A 58 -11.07 3.59 -9.75
N SER A 59 -12.35 3.90 -9.91
CA SER A 59 -12.86 4.38 -11.20
C SER A 59 -12.27 5.74 -11.54
N GLY A 60 -12.14 6.02 -12.84
CA GLY A 60 -11.60 7.29 -13.28
C GLY A 60 -10.09 7.23 -13.47
N PRO A 61 -9.59 7.98 -14.45
CA PRO A 61 -8.15 8.03 -14.76
C PRO A 61 -7.35 8.75 -13.66
N SER A 62 -6.28 8.11 -13.21
CA SER A 62 -5.44 8.68 -12.18
C SER A 62 -3.96 8.57 -12.55
N SER A 63 -3.31 9.72 -12.73
CA SER A 63 -1.90 9.75 -13.09
C SER A 63 -1.38 11.19 -13.10
N GLY A 64 -0.14 11.36 -12.64
CA GLY A 64 0.45 12.68 -12.61
C GLY A 64 0.76 13.15 -11.20
N GLY A 1 -8.31 -17.60 -3.60
CA GLY A 1 -8.93 -16.29 -3.61
C GLY A 1 -9.69 -15.99 -2.34
N SER A 2 -8.96 -15.68 -1.27
CA SER A 2 -9.58 -15.37 0.01
C SER A 2 -9.00 -14.10 0.61
N SER A 3 -9.84 -13.09 0.75
CA SER A 3 -9.41 -11.81 1.30
C SER A 3 -9.27 -11.88 2.82
N GLY A 4 -8.04 -11.72 3.30
CA GLY A 4 -7.78 -11.77 4.72
C GLY A 4 -6.30 -11.87 5.05
N SER A 5 -5.49 -11.14 4.30
CA SER A 5 -4.04 -11.15 4.51
C SER A 5 -3.70 -10.65 5.91
N SER A 6 -2.95 -11.47 6.65
CA SER A 6 -2.55 -11.11 8.00
C SER A 6 -1.05 -11.36 8.22
N GLY A 7 -0.31 -10.28 8.47
CA GLY A 7 1.11 -10.40 8.68
C GLY A 7 1.67 -9.27 9.54
N SER A 8 1.32 -8.03 9.18
CA SER A 8 1.79 -6.87 9.91
C SER A 8 0.62 -6.08 10.50
N SER A 9 0.93 -5.06 11.28
CA SER A 9 -0.10 -4.23 11.91
C SER A 9 -0.73 -3.30 10.90
N PRO A 10 -2.05 -3.08 11.04
CA PRO A 10 -2.81 -2.21 10.14
C PRO A 10 -2.46 -0.74 10.33
N SER A 11 -1.51 -0.48 11.22
CA SER A 11 -1.08 0.89 11.50
C SER A 11 -0.60 1.58 10.22
N LEU A 12 0.34 0.95 9.54
CA LEU A 12 0.89 1.50 8.30
C LEU A 12 -0.16 1.47 7.19
N LEU A 13 -1.18 0.65 7.37
CA LEU A 13 -2.25 0.52 6.37
C LEU A 13 -3.29 1.63 6.56
N GLU A 14 -3.44 2.10 7.79
CA GLU A 14 -4.40 3.15 8.10
C GLU A 14 -4.37 4.24 7.02
N PRO A 15 -3.20 4.85 6.83
CA PRO A 15 -3.02 5.92 5.84
C PRO A 15 -3.10 5.39 4.40
N LEU A 16 -2.52 4.21 4.18
CA LEU A 16 -2.52 3.60 2.86
C LEU A 16 -3.90 3.07 2.50
N LEU A 17 -4.77 2.98 3.50
CA LEU A 17 -6.13 2.50 3.29
C LEU A 17 -7.11 3.66 3.11
N ALA A 18 -7.00 4.65 3.99
CA ALA A 18 -7.87 5.82 3.92
C ALA A 18 -7.65 6.59 2.62
N MET A 19 -6.47 6.42 2.03
CA MET A 19 -6.14 7.11 0.78
C MET A 19 -6.91 6.49 -0.39
N GLY A 20 -7.29 5.23 -0.25
CA GLY A 20 -8.03 4.55 -1.30
C GLY A 20 -7.44 3.20 -1.65
N PHE A 21 -6.12 3.09 -1.54
CA PHE A 21 -5.43 1.84 -1.85
C PHE A 21 -5.89 0.72 -0.93
N PRO A 22 -6.05 -0.48 -1.50
CA PRO A 22 -6.50 -1.66 -0.76
C PRO A 22 -5.45 -2.16 0.22
N VAL A 23 -5.63 -3.40 0.69
CA VAL A 23 -4.69 -3.99 1.63
C VAL A 23 -3.54 -4.68 0.91
N HIS A 24 -3.87 -5.62 0.03
CA HIS A 24 -2.87 -6.34 -0.74
C HIS A 24 -1.89 -5.39 -1.40
N THR A 25 -2.41 -4.26 -1.87
CA THR A 25 -1.58 -3.26 -2.54
C THR A 25 -0.74 -2.48 -1.54
N ALA A 26 -1.40 -1.88 -0.55
CA ALA A 26 -0.71 -1.11 0.47
C ALA A 26 0.39 -1.93 1.12
N LEU A 27 0.18 -3.24 1.22
CA LEU A 27 1.16 -4.13 1.82
C LEU A 27 2.38 -4.28 0.92
N LYS A 28 2.14 -4.48 -0.37
CA LYS A 28 3.23 -4.63 -1.33
C LYS A 28 4.18 -3.44 -1.28
N ALA A 29 3.61 -2.23 -1.34
CA ALA A 29 4.41 -1.01 -1.30
C ALA A 29 5.22 -0.94 -0.01
N LEU A 30 4.59 -1.29 1.11
CA LEU A 30 5.25 -1.26 2.40
C LEU A 30 6.41 -2.24 2.44
N ALA A 31 6.14 -3.50 2.11
CA ALA A 31 7.16 -4.54 2.11
C ALA A 31 8.30 -4.17 1.16
N ALA A 32 7.96 -3.49 0.08
CA ALA A 32 8.96 -3.08 -0.90
C ALA A 32 9.90 -2.03 -0.34
N THR A 33 9.32 -0.90 0.10
CA THR A 33 10.11 0.19 0.67
C THR A 33 10.91 -0.28 1.87
N GLY A 34 10.24 -0.94 2.82
CA GLY A 34 10.93 -1.44 3.99
C GLY A 34 10.13 -1.19 5.26
N ARG A 35 8.82 -1.25 5.16
CA ARG A 35 7.94 -1.04 6.30
C ARG A 35 8.41 0.16 7.13
N LYS A 36 8.76 1.24 6.44
CA LYS A 36 9.23 2.45 7.10
C LYS A 36 8.05 3.32 7.53
N THR A 37 7.27 3.79 6.56
CA THR A 37 6.12 4.62 6.85
C THR A 37 5.19 4.70 5.65
N ALA A 38 3.95 5.13 5.88
CA ALA A 38 2.97 5.25 4.82
C ALA A 38 3.55 5.95 3.60
N GLU A 39 3.98 7.19 3.78
CA GLU A 39 4.56 7.96 2.69
C GLU A 39 5.38 7.06 1.76
N GLU A 40 6.42 6.44 2.32
CA GLU A 40 7.28 5.56 1.55
C GLU A 40 6.45 4.65 0.63
N ALA A 41 5.41 4.04 1.20
CA ALA A 41 4.55 3.15 0.43
C ALA A 41 3.98 3.86 -0.79
N LEU A 42 3.52 5.09 -0.60
CA LEU A 42 2.95 5.88 -1.69
C LEU A 42 3.95 6.02 -2.83
N ALA A 43 5.22 6.24 -2.48
CA ALA A 43 6.28 6.40 -3.47
C ALA A 43 6.43 5.14 -4.31
N TRP A 44 6.08 4.00 -3.73
CA TRP A 44 6.18 2.72 -4.43
C TRP A 44 4.90 2.42 -5.21
N LEU A 45 3.78 2.93 -4.72
CA LEU A 45 2.49 2.72 -5.37
C LEU A 45 2.37 3.59 -6.61
N HIS A 46 2.90 4.80 -6.54
CA HIS A 46 2.85 5.72 -7.67
C HIS A 46 3.67 5.20 -8.84
N ASP A 47 4.67 4.38 -8.54
CA ASP A 47 5.53 3.80 -9.57
C ASP A 47 5.06 2.41 -9.95
N HIS A 48 4.52 1.68 -8.98
CA HIS A 48 4.03 0.33 -9.21
C HIS A 48 2.50 0.32 -9.30
N CYS A 49 1.95 1.29 -10.01
CA CYS A 49 0.50 1.38 -10.19
C CYS A 49 0.08 0.94 -11.58
N ASN A 50 0.89 1.28 -12.57
CA ASN A 50 0.60 0.91 -13.95
C ASN A 50 1.09 -0.51 -14.25
N ASP A 51 0.94 -1.39 -13.28
CA ASP A 51 1.37 -2.78 -13.44
C ASP A 51 0.19 -3.67 -13.81
N PRO A 52 0.44 -4.63 -14.72
CA PRO A 52 -0.59 -5.57 -15.18
C PRO A 52 -1.00 -6.56 -14.09
N SER A 53 -0.03 -7.11 -13.39
CA SER A 53 -0.29 -8.07 -12.33
C SER A 53 -0.98 -7.40 -11.15
N LEU A 54 -0.95 -6.07 -11.12
CA LEU A 54 -1.58 -5.31 -10.06
C LEU A 54 -2.95 -4.81 -10.48
N ASP A 55 -3.73 -5.69 -11.10
CA ASP A 55 -5.08 -5.34 -11.55
C ASP A 55 -5.97 -4.98 -10.37
N ASP A 56 -6.51 -3.77 -10.39
CA ASP A 56 -7.38 -3.30 -9.32
C ASP A 56 -8.41 -2.31 -9.86
N PRO A 57 -9.58 -2.26 -9.20
CA PRO A 57 -10.67 -1.37 -9.59
C PRO A 57 -10.34 0.10 -9.31
N ILE A 58 -9.16 0.34 -8.77
CA ILE A 58 -8.72 1.70 -8.46
C ILE A 58 -8.80 2.60 -9.69
N SER A 59 -9.33 3.80 -9.50
CA SER A 59 -9.46 4.76 -10.60
C SER A 59 -8.20 4.78 -11.44
N GLY A 60 -8.32 5.32 -12.66
CA GLY A 60 -7.18 5.39 -13.55
C GLY A 60 -6.13 6.37 -13.07
N PRO A 61 -4.96 6.36 -13.75
CA PRO A 61 -3.85 7.25 -13.40
C PRO A 61 -4.15 8.72 -13.73
N SER A 62 -5.35 8.97 -14.21
CA SER A 62 -5.77 10.32 -14.56
C SER A 62 -7.28 10.49 -14.45
N SER A 63 -7.72 11.66 -14.02
CA SER A 63 -9.13 11.94 -13.86
C SER A 63 -9.88 11.73 -15.17
N GLY A 64 -9.33 12.27 -16.26
CA GLY A 64 -9.95 12.14 -17.56
C GLY A 64 -8.99 12.40 -18.69
N GLY A 1 5.59 -10.66 22.12
CA GLY A 1 5.26 -10.58 23.53
C GLY A 1 3.86 -10.03 23.76
N SER A 2 3.78 -8.77 24.17
CA SER A 2 2.50 -8.13 24.43
C SER A 2 1.94 -7.49 23.16
N SER A 3 0.70 -7.83 22.83
CA SER A 3 0.06 -7.28 21.65
C SER A 3 0.81 -7.70 20.38
N GLY A 4 1.19 -8.97 20.32
CA GLY A 4 1.92 -9.46 19.17
C GLY A 4 1.09 -10.42 18.33
N SER A 5 0.16 -9.86 17.55
CA SER A 5 -0.70 -10.68 16.70
C SER A 5 0.06 -11.20 15.49
N SER A 6 -0.60 -12.03 14.69
CA SER A 6 0.02 -12.61 13.51
C SER A 6 -0.42 -11.86 12.25
N GLY A 7 0.45 -10.97 11.78
CA GLY A 7 0.14 -10.19 10.59
C GLY A 7 0.48 -8.72 10.75
N SER A 8 0.93 -8.09 9.67
CA SER A 8 1.29 -6.69 9.70
C SER A 8 0.25 -5.87 10.46
N SER A 9 0.70 -4.81 11.10
CA SER A 9 -0.19 -3.94 11.88
C SER A 9 -1.00 -3.03 10.96
N PRO A 10 -2.24 -2.72 11.37
CA PRO A 10 -3.13 -1.86 10.61
C PRO A 10 -2.67 -0.41 10.59
N SER A 11 -1.56 -0.14 11.26
CA SER A 11 -1.01 1.21 11.32
C SER A 11 -0.41 1.62 9.98
N LEU A 12 0.41 0.75 9.42
CA LEU A 12 1.04 1.02 8.13
C LEU A 12 0.01 1.00 7.00
N LEU A 13 -1.18 0.51 7.31
CA LEU A 13 -2.25 0.43 6.31
C LEU A 13 -3.27 1.54 6.53
N GLU A 14 -3.39 2.00 7.78
CA GLU A 14 -4.33 3.06 8.12
C GLU A 14 -4.30 4.16 7.06
N PRO A 15 -3.13 4.76 6.86
CA PRO A 15 -2.94 5.84 5.89
C PRO A 15 -3.05 5.35 4.46
N LEU A 16 -2.48 4.17 4.20
CA LEU A 16 -2.51 3.58 2.86
C LEU A 16 -3.91 3.08 2.52
N LEU A 17 -4.77 2.98 3.53
CA LEU A 17 -6.13 2.51 3.34
C LEU A 17 -7.09 3.70 3.18
N ALA A 18 -6.97 4.68 4.07
CA ALA A 18 -7.82 5.86 4.04
C ALA A 18 -7.60 6.65 2.75
N MET A 19 -6.46 6.40 2.09
CA MET A 19 -6.13 7.11 0.86
C MET A 19 -6.91 6.52 -0.32
N GLY A 20 -7.30 5.26 -0.18
CA GLY A 20 -8.04 4.60 -1.24
C GLY A 20 -7.46 3.24 -1.61
N PHE A 21 -6.14 3.13 -1.53
CA PHE A 21 -5.46 1.89 -1.86
C PHE A 21 -5.96 0.74 -0.99
N PRO A 22 -6.14 -0.44 -1.59
CA PRO A 22 -6.61 -1.64 -0.88
C PRO A 22 -5.58 -2.18 0.09
N VAL A 23 -5.78 -3.42 0.53
CA VAL A 23 -4.86 -4.06 1.46
C VAL A 23 -3.74 -4.78 0.73
N HIS A 24 -4.11 -5.67 -0.19
CA HIS A 24 -3.13 -6.43 -0.96
C HIS A 24 -2.10 -5.50 -1.58
N THR A 25 -2.53 -4.29 -1.95
CA THR A 25 -1.63 -3.31 -2.56
C THR A 25 -0.78 -2.62 -1.51
N ALA A 26 -1.43 -1.99 -0.54
CA ALA A 26 -0.73 -1.28 0.53
C ALA A 26 0.32 -2.18 1.17
N LEU A 27 0.06 -3.48 1.18
CA LEU A 27 0.98 -4.44 1.76
C LEU A 27 2.22 -4.61 0.88
N LYS A 28 2.00 -4.69 -0.43
CA LYS A 28 3.09 -4.85 -1.38
C LYS A 28 4.11 -3.73 -1.23
N ALA A 29 3.62 -2.50 -1.23
CA ALA A 29 4.49 -1.33 -1.10
C ALA A 29 5.20 -1.32 0.25
N LEU A 30 4.45 -1.62 1.31
CA LEU A 30 5.01 -1.66 2.66
C LEU A 30 6.18 -2.64 2.73
N ALA A 31 5.90 -3.90 2.43
CA ALA A 31 6.93 -4.94 2.46
C ALA A 31 8.11 -4.57 1.58
N ALA A 32 7.83 -3.87 0.48
CA ALA A 32 8.87 -3.45 -0.45
C ALA A 32 9.76 -2.37 0.17
N THR A 33 9.16 -1.23 0.47
CA THR A 33 9.90 -0.11 1.07
C THR A 33 10.59 -0.54 2.35
N GLY A 34 9.81 -0.77 3.40
CA GLY A 34 10.37 -1.18 4.67
C GLY A 34 9.44 -0.88 5.84
N ARG A 35 8.14 -1.02 5.61
CA ARG A 35 7.15 -0.76 6.64
C ARG A 35 7.54 0.46 7.47
N LYS A 36 8.23 1.41 6.85
CA LYS A 36 8.67 2.62 7.53
C LYS A 36 7.49 3.53 7.81
N THR A 37 6.80 3.95 6.76
CA THR A 37 5.65 4.83 6.89
C THR A 37 4.76 4.77 5.66
N ALA A 38 3.67 5.53 5.67
CA ALA A 38 2.75 5.57 4.55
C ALA A 38 3.37 6.23 3.33
N GLU A 39 3.88 7.44 3.52
CA GLU A 39 4.52 8.19 2.44
C GLU A 39 5.42 7.28 1.61
N GLU A 40 6.42 6.69 2.28
CA GLU A 40 7.36 5.80 1.61
C GLU A 40 6.63 4.79 0.72
N ALA A 41 5.50 4.31 1.21
CA ALA A 41 4.70 3.34 0.46
C ALA A 41 4.05 4.00 -0.76
N LEU A 42 3.63 5.25 -0.59
CA LEU A 42 2.99 5.99 -1.68
C LEU A 42 3.93 6.16 -2.86
N ALA A 43 5.21 6.35 -2.56
CA ALA A 43 6.22 6.52 -3.59
C ALA A 43 6.42 5.23 -4.38
N TRP A 44 6.17 4.10 -3.74
CA TRP A 44 6.32 2.80 -4.38
C TRP A 44 5.04 2.40 -5.11
N LEU A 45 3.90 2.86 -4.59
CA LEU A 45 2.62 2.55 -5.20
C LEU A 45 2.40 3.35 -6.47
N HIS A 46 2.85 4.60 -6.46
CA HIS A 46 2.71 5.48 -7.61
C HIS A 46 3.57 5.00 -8.77
N ASP A 47 4.64 4.28 -8.44
CA ASP A 47 5.55 3.76 -9.46
C ASP A 47 5.18 2.33 -9.84
N HIS A 48 4.68 1.58 -8.87
CA HIS A 48 4.29 0.19 -9.10
C HIS A 48 2.77 0.07 -9.19
N CYS A 49 2.15 1.00 -9.91
CA CYS A 49 0.70 0.99 -10.08
C CYS A 49 0.32 0.73 -11.53
N ASN A 50 1.07 1.33 -12.45
CA ASN A 50 0.82 1.17 -13.88
C ASN A 50 0.89 -0.30 -14.28
N ASP A 51 1.90 -1.00 -13.77
CA ASP A 51 2.08 -2.41 -14.07
C ASP A 51 0.74 -3.13 -14.11
N PRO A 52 0.62 -4.11 -15.02
CA PRO A 52 -0.61 -4.90 -15.17
C PRO A 52 -0.85 -5.84 -14.00
N SER A 53 0.19 -6.56 -13.60
CA SER A 53 0.09 -7.49 -12.48
C SER A 53 -0.31 -6.77 -11.20
N LEU A 54 -0.21 -5.45 -11.23
CA LEU A 54 -0.57 -4.63 -10.07
C LEU A 54 -1.71 -3.69 -10.39
N ASP A 55 -2.72 -4.20 -11.09
CA ASP A 55 -3.88 -3.40 -11.46
C ASP A 55 -4.67 -2.97 -10.22
N ASP A 56 -5.06 -1.70 -10.20
CA ASP A 56 -5.82 -1.16 -9.08
C ASP A 56 -7.13 -0.55 -9.55
N PRO A 57 -8.13 -0.53 -8.65
CA PRO A 57 -9.46 0.03 -8.95
C PRO A 57 -9.42 1.55 -9.10
N ILE A 58 -8.63 2.21 -8.26
CA ILE A 58 -8.51 3.65 -8.31
C ILE A 58 -8.53 4.17 -9.75
N SER A 59 -9.46 5.07 -10.04
CA SER A 59 -9.58 5.64 -11.37
C SER A 59 -8.69 6.86 -11.52
N GLY A 60 -8.90 7.86 -10.67
CA GLY A 60 -8.12 9.08 -10.72
C GLY A 60 -8.94 10.28 -11.14
N PRO A 61 -8.92 10.58 -12.45
CA PRO A 61 -9.66 11.72 -13.01
C PRO A 61 -11.16 11.50 -12.97
N SER A 62 -11.86 12.25 -12.12
CA SER A 62 -13.31 12.14 -11.99
C SER A 62 -13.86 13.27 -11.15
N SER A 63 -15.18 13.42 -11.17
CA SER A 63 -15.85 14.48 -10.40
C SER A 63 -16.94 13.89 -9.52
N GLY A 64 -17.18 14.52 -8.37
CA GLY A 64 -18.19 14.05 -7.46
C GLY A 64 -17.79 12.78 -6.73
N GLY A 1 17.42 -10.32 22.70
CA GLY A 1 16.00 -10.28 23.02
C GLY A 1 15.22 -11.32 22.24
N SER A 2 14.27 -10.85 21.42
CA SER A 2 13.44 -11.74 20.63
C SER A 2 13.06 -11.09 19.30
N SER A 3 12.82 -11.92 18.29
CA SER A 3 12.45 -11.42 16.96
C SER A 3 11.00 -11.77 16.64
N GLY A 4 10.50 -11.21 15.54
CA GLY A 4 9.13 -11.47 15.14
C GLY A 4 8.12 -10.96 16.15
N SER A 5 6.88 -10.76 15.70
CA SER A 5 5.83 -10.25 16.57
C SER A 5 4.49 -10.87 16.19
N SER A 6 3.77 -11.38 17.20
CA SER A 6 2.47 -11.99 16.97
C SER A 6 1.41 -10.93 16.69
N GLY A 7 0.39 -11.32 15.91
CA GLY A 7 -0.68 -10.38 15.58
C GLY A 7 -0.16 -9.12 14.93
N SER A 8 -1.07 -8.19 14.62
CA SER A 8 -0.69 -6.94 13.99
C SER A 8 -1.87 -5.97 13.97
N SER A 9 -1.63 -4.73 14.37
CA SER A 9 -2.66 -3.71 14.41
C SER A 9 -2.56 -2.78 13.20
N PRO A 10 -3.70 -2.18 12.83
CA PRO A 10 -3.77 -1.25 11.69
C PRO A 10 -3.03 0.05 11.95
N SER A 11 -1.81 0.15 11.43
CA SER A 11 -1.00 1.36 11.63
C SER A 11 -0.50 1.88 10.28
N LEU A 12 0.18 1.03 9.52
CA LEU A 12 0.71 1.41 8.23
C LEU A 12 -0.40 1.41 7.16
N LEU A 13 -1.34 0.47 7.29
CA LEU A 13 -2.44 0.36 6.35
C LEU A 13 -3.44 1.50 6.55
N GLU A 14 -3.57 1.95 7.80
CA GLU A 14 -4.49 3.03 8.12
C GLU A 14 -4.43 4.14 7.08
N PRO A 15 -3.22 4.71 6.90
CA PRO A 15 -2.99 5.79 5.93
C PRO A 15 -3.08 5.30 4.49
N LEU A 16 -2.55 4.11 4.24
CA LEU A 16 -2.57 3.53 2.91
C LEU A 16 -3.97 3.06 2.53
N LEU A 17 -4.85 2.98 3.53
CA LEU A 17 -6.22 2.55 3.31
C LEU A 17 -7.15 3.76 3.14
N ALA A 18 -7.01 4.73 4.03
CA ALA A 18 -7.83 5.93 3.98
C ALA A 18 -7.57 6.72 2.70
N MET A 19 -6.44 6.45 2.07
CA MET A 19 -6.06 7.14 0.84
C MET A 19 -6.83 6.57 -0.35
N GLY A 20 -7.23 5.30 -0.25
CA GLY A 20 -7.97 4.66 -1.32
C GLY A 20 -7.38 3.31 -1.71
N PHE A 21 -6.08 3.16 -1.48
CA PHE A 21 -5.40 1.90 -1.81
C PHE A 21 -5.91 0.77 -0.93
N PRO A 22 -6.05 -0.42 -1.54
CA PRO A 22 -6.53 -1.62 -0.83
C PRO A 22 -5.50 -2.14 0.16
N VAL A 23 -5.69 -3.39 0.60
CA VAL A 23 -4.77 -4.01 1.55
C VAL A 23 -3.63 -4.72 0.84
N HIS A 24 -3.98 -5.66 -0.04
CA HIS A 24 -2.98 -6.40 -0.79
C HIS A 24 -1.97 -5.47 -1.44
N THR A 25 -2.45 -4.32 -1.90
CA THR A 25 -1.57 -3.34 -2.54
C THR A 25 -0.73 -2.60 -1.51
N ALA A 26 -1.40 -1.96 -0.55
CA ALA A 26 -0.70 -1.22 0.50
C ALA A 26 0.37 -2.08 1.15
N LEU A 27 0.12 -3.38 1.24
CA LEU A 27 1.07 -4.30 1.84
C LEU A 27 2.31 -4.46 0.97
N LYS A 28 2.09 -4.62 -0.33
CA LYS A 28 3.19 -4.78 -1.27
C LYS A 28 4.17 -3.62 -1.17
N ALA A 29 3.63 -2.39 -1.23
CA ALA A 29 4.46 -1.19 -1.14
C ALA A 29 5.19 -1.13 0.19
N LEU A 30 4.48 -1.47 1.27
CA LEU A 30 5.08 -1.44 2.61
C LEU A 30 6.27 -2.38 2.69
N ALA A 31 6.05 -3.65 2.33
CA ALA A 31 7.11 -4.64 2.36
C ALA A 31 8.26 -4.25 1.44
N ALA A 32 7.93 -3.60 0.33
CA ALA A 32 8.94 -3.16 -0.63
C ALA A 32 9.81 -2.07 -0.05
N THR A 33 9.18 -1.00 0.43
CA THR A 33 9.89 0.13 1.01
C THR A 33 10.69 -0.30 2.23
N GLY A 34 10.04 -1.04 3.13
CA GLY A 34 10.70 -1.49 4.33
C GLY A 34 9.94 -1.13 5.59
N ARG A 35 8.62 -1.25 5.53
CA ARG A 35 7.77 -0.93 6.67
C ARG A 35 8.28 0.32 7.40
N LYS A 36 8.81 1.27 6.62
CA LYS A 36 9.33 2.51 7.18
C LYS A 36 8.20 3.45 7.58
N THR A 37 7.45 3.93 6.58
CA THR A 37 6.33 4.83 6.82
C THR A 37 5.34 4.80 5.67
N ALA A 38 4.17 5.38 5.90
CA ALA A 38 3.13 5.43 4.87
C ALA A 38 3.63 6.13 3.62
N GLU A 39 4.10 7.36 3.78
CA GLU A 39 4.60 8.14 2.66
C GLU A 39 5.44 7.27 1.72
N GLU A 40 6.40 6.56 2.30
CA GLU A 40 7.27 5.68 1.51
C GLU A 40 6.46 4.78 0.60
N ALA A 41 5.44 4.13 1.17
CA ALA A 41 4.59 3.23 0.41
C ALA A 41 4.00 3.93 -0.81
N LEU A 42 3.60 5.18 -0.63
CA LEU A 42 3.02 5.96 -1.72
C LEU A 42 4.02 6.13 -2.86
N ALA A 43 5.29 6.34 -2.51
CA ALA A 43 6.34 6.51 -3.51
C ALA A 43 6.54 5.23 -4.32
N TRP A 44 6.16 4.09 -3.73
CA TRP A 44 6.30 2.80 -4.39
C TRP A 44 5.04 2.46 -5.18
N LEU A 45 3.90 2.94 -4.69
CA LEU A 45 2.62 2.68 -5.35
C LEU A 45 2.47 3.53 -6.60
N HIS A 46 2.95 4.77 -6.53
CA HIS A 46 2.87 5.68 -7.67
C HIS A 46 3.67 5.16 -8.86
N ASP A 47 4.55 4.20 -8.59
CA ASP A 47 5.38 3.61 -9.63
C ASP A 47 4.91 2.20 -9.95
N HIS A 48 4.26 1.55 -9.00
CA HIS A 48 3.77 0.20 -9.17
C HIS A 48 2.25 0.19 -9.34
N CYS A 49 1.73 1.20 -10.01
CA CYS A 49 0.29 1.32 -10.24
C CYS A 49 -0.07 1.00 -11.68
N ASN A 50 -1.37 0.99 -11.98
CA ASN A 50 -1.83 0.71 -13.34
C ASN A 50 -1.05 -0.45 -13.95
N ASP A 51 -0.74 -1.45 -13.13
CA ASP A 51 0.00 -2.62 -13.59
C ASP A 51 -0.94 -3.79 -13.88
N PRO A 52 -0.67 -4.51 -14.96
CA PRO A 52 -1.49 -5.66 -15.38
C PRO A 52 -1.34 -6.84 -14.42
N SER A 53 -0.40 -6.73 -13.48
CA SER A 53 -0.16 -7.80 -12.52
C SER A 53 -0.68 -7.40 -11.14
N LEU A 54 -0.97 -6.12 -10.97
CA LEU A 54 -1.48 -5.61 -9.70
C LEU A 54 -2.89 -5.05 -9.86
N ASP A 55 -3.88 -5.92 -9.79
CA ASP A 55 -5.28 -5.51 -9.92
C ASP A 55 -5.67 -4.53 -8.82
N ASP A 56 -6.57 -3.62 -9.14
CA ASP A 56 -7.03 -2.63 -8.18
C ASP A 56 -8.39 -2.06 -8.58
N PRO A 57 -9.23 -1.77 -7.58
CA PRO A 57 -10.57 -1.22 -7.80
C PRO A 57 -10.53 0.22 -8.32
N ILE A 58 -9.32 0.76 -8.45
CA ILE A 58 -9.15 2.12 -8.93
C ILE A 58 -9.30 2.20 -10.44
N SER A 59 -10.45 2.70 -10.89
CA SER A 59 -10.73 2.83 -12.31
C SER A 59 -10.66 4.28 -12.76
N GLY A 60 -9.73 4.57 -13.67
CA GLY A 60 -9.57 5.92 -14.17
C GLY A 60 -8.36 6.62 -13.56
N PRO A 61 -7.86 7.65 -14.26
CA PRO A 61 -6.70 8.42 -13.81
C PRO A 61 -7.01 9.28 -12.58
N SER A 62 -5.97 9.74 -11.91
CA SER A 62 -6.13 10.57 -10.72
C SER A 62 -5.71 12.01 -11.00
N SER A 63 -6.23 12.94 -10.20
CA SER A 63 -5.91 14.35 -10.37
C SER A 63 -4.81 14.77 -9.39
N GLY A 64 -4.17 15.90 -9.69
CA GLY A 64 -3.11 16.39 -8.83
C GLY A 64 -2.77 17.85 -9.10
N GLY A 1 5.75 3.19 23.77
CA GLY A 1 6.95 2.37 23.78
C GLY A 1 6.79 1.08 22.99
N SER A 2 7.90 0.56 22.50
CA SER A 2 7.88 -0.68 21.72
C SER A 2 8.62 -1.79 22.43
N SER A 3 8.59 -2.99 21.87
CA SER A 3 9.26 -4.14 22.45
C SER A 3 10.35 -4.66 21.54
N GLY A 4 9.99 -4.94 20.28
CA GLY A 4 10.96 -5.43 19.32
C GLY A 4 10.43 -5.42 17.90
N SER A 5 10.29 -6.61 17.32
CA SER A 5 9.78 -6.73 15.96
C SER A 5 8.26 -6.72 15.94
N SER A 6 7.69 -5.54 15.69
CA SER A 6 6.24 -5.38 15.65
C SER A 6 5.61 -6.43 14.73
N GLY A 7 6.14 -6.55 13.52
CA GLY A 7 5.63 -7.51 12.57
C GLY A 7 4.63 -6.89 11.61
N SER A 8 3.44 -7.49 11.53
CA SER A 8 2.40 -7.01 10.65
C SER A 8 1.29 -6.31 11.44
N SER A 9 1.00 -5.07 11.06
CA SER A 9 -0.03 -4.29 11.74
C SER A 9 -0.72 -3.33 10.78
N PRO A 10 -2.03 -3.13 10.98
CA PRO A 10 -2.83 -2.23 10.13
C PRO A 10 -2.48 -0.77 10.34
N SER A 11 -1.51 -0.52 11.23
CA SER A 11 -1.08 0.84 11.52
C SER A 11 -0.61 1.55 10.25
N LEU A 12 0.29 0.90 9.53
CA LEU A 12 0.83 1.46 8.29
C LEU A 12 -0.22 1.42 7.17
N LEU A 13 -1.26 0.64 7.38
CA LEU A 13 -2.34 0.51 6.41
C LEU A 13 -3.37 1.61 6.57
N GLU A 14 -3.52 2.09 7.81
CA GLU A 14 -4.49 3.15 8.10
C GLU A 14 -4.43 4.24 7.04
N PRO A 15 -3.25 4.84 6.86
CA PRO A 15 -3.04 5.91 5.87
C PRO A 15 -3.09 5.39 4.44
N LEU A 16 -2.53 4.21 4.22
CA LEU A 16 -2.52 3.60 2.90
C LEU A 16 -3.90 3.10 2.52
N LEU A 17 -4.78 3.01 3.50
CA LEU A 17 -6.14 2.54 3.27
C LEU A 17 -7.10 3.71 3.08
N ALA A 18 -7.00 4.71 3.95
CA ALA A 18 -7.84 5.89 3.87
C ALA A 18 -7.61 6.64 2.56
N MET A 19 -6.45 6.43 1.97
CA MET A 19 -6.10 7.10 0.71
C MET A 19 -6.86 6.49 -0.46
N GLY A 20 -7.29 5.24 -0.29
CA GLY A 20 -8.03 4.57 -1.35
C GLY A 20 -7.44 3.22 -1.71
N PHE A 21 -6.13 3.07 -1.50
CA PHE A 21 -5.44 1.82 -1.80
C PHE A 21 -5.93 0.71 -0.89
N PRO A 22 -6.10 -0.50 -1.46
CA PRO A 22 -6.56 -1.67 -0.72
C PRO A 22 -5.50 -2.18 0.25
N VAL A 23 -5.69 -3.42 0.72
CA VAL A 23 -4.75 -4.02 1.65
C VAL A 23 -3.61 -4.74 0.91
N HIS A 24 -3.98 -5.70 0.08
CA HIS A 24 -3.01 -6.46 -0.70
C HIS A 24 -2.01 -5.52 -1.38
N THR A 25 -2.48 -4.32 -1.73
CA THR A 25 -1.63 -3.34 -2.40
C THR A 25 -0.72 -2.63 -1.40
N ALA A 26 -1.34 -1.96 -0.43
CA ALA A 26 -0.59 -1.24 0.59
C ALA A 26 0.50 -2.12 1.20
N LEU A 27 0.20 -3.41 1.31
CA LEU A 27 1.15 -4.36 1.88
C LEU A 27 2.35 -4.54 0.97
N LYS A 28 2.09 -4.64 -0.33
CA LYS A 28 3.15 -4.81 -1.32
C LYS A 28 4.14 -3.65 -1.26
N ALA A 29 3.62 -2.43 -1.30
CA ALA A 29 4.46 -1.24 -1.25
C ALA A 29 5.19 -1.14 0.08
N LEU A 30 4.50 -1.53 1.16
CA LEU A 30 5.08 -1.47 2.48
C LEU A 30 6.25 -2.45 2.62
N ALA A 31 5.98 -3.73 2.37
CA ALA A 31 7.00 -4.76 2.45
C ALA A 31 8.17 -4.44 1.51
N ALA A 32 7.88 -3.71 0.44
CA ALA A 32 8.91 -3.35 -0.53
C ALA A 32 9.77 -2.20 -0.01
N THR A 33 9.12 -1.12 0.42
CA THR A 33 9.83 0.04 0.94
C THR A 33 10.62 -0.31 2.20
N GLY A 34 9.99 -1.07 3.09
CA GLY A 34 10.66 -1.46 4.32
C GLY A 34 9.81 -1.18 5.55
N ARG A 35 8.49 -1.31 5.40
CA ARG A 35 7.57 -1.07 6.50
C ARG A 35 8.04 0.11 7.35
N LYS A 36 8.53 1.15 6.69
CA LYS A 36 9.02 2.34 7.39
C LYS A 36 7.86 3.27 7.73
N THR A 37 7.16 3.74 6.70
CA THR A 37 6.03 4.64 6.90
C THR A 37 5.17 4.72 5.64
N ALA A 38 3.87 4.90 5.84
CA ALA A 38 2.93 4.98 4.73
C ALA A 38 3.53 5.74 3.56
N GLU A 39 3.95 6.99 3.81
CA GLU A 39 4.56 7.81 2.78
C GLU A 39 5.37 6.96 1.81
N GLU A 40 6.42 6.34 2.33
CA GLU A 40 7.28 5.50 1.51
C GLU A 40 6.46 4.63 0.55
N ALA A 41 5.41 4.01 1.07
CA ALA A 41 4.55 3.16 0.26
C ALA A 41 3.98 3.94 -0.92
N LEU A 42 3.52 5.15 -0.68
CA LEU A 42 2.96 5.99 -1.73
C LEU A 42 3.97 6.19 -2.86
N ALA A 43 5.23 6.37 -2.50
CA ALA A 43 6.29 6.56 -3.48
C ALA A 43 6.52 5.30 -4.30
N TRP A 44 6.11 4.16 -3.76
CA TRP A 44 6.27 2.88 -4.44
C TRP A 44 5.00 2.51 -5.21
N LEU A 45 3.86 3.00 -4.74
CA LEU A 45 2.59 2.72 -5.40
C LEU A 45 2.41 3.58 -6.64
N HIS A 46 2.93 4.81 -6.58
CA HIS A 46 2.83 5.73 -7.70
C HIS A 46 3.68 5.27 -8.87
N ASP A 47 4.63 4.38 -8.59
CA ASP A 47 5.52 3.85 -9.62
C ASP A 47 5.13 2.43 -9.98
N HIS A 48 4.53 1.72 -9.03
CA HIS A 48 4.11 0.34 -9.26
C HIS A 48 2.59 0.24 -9.40
N CYS A 49 2.00 1.23 -10.06
CA CYS A 49 0.56 1.26 -10.26
C CYS A 49 0.20 0.96 -11.71
N ASN A 50 0.94 1.56 -12.64
CA ASN A 50 0.71 1.34 -14.06
C ASN A 50 1.47 0.12 -14.57
N ASP A 51 0.83 -1.04 -14.48
CA ASP A 51 1.46 -2.28 -14.93
C ASP A 51 0.40 -3.35 -15.19
N PRO A 52 0.76 -4.33 -16.04
CA PRO A 52 -0.14 -5.44 -16.39
C PRO A 52 -0.38 -6.38 -15.23
N SER A 53 0.57 -6.45 -14.31
CA SER A 53 0.48 -7.32 -13.15
C SER A 53 -0.11 -6.58 -11.95
N LEU A 54 -0.13 -5.25 -12.05
CA LEU A 54 -0.67 -4.42 -10.99
C LEU A 54 -1.81 -3.54 -11.50
N ASP A 55 -2.99 -4.13 -11.62
CA ASP A 55 -4.17 -3.40 -12.10
C ASP A 55 -4.86 -2.68 -10.94
N ASP A 56 -5.42 -1.51 -11.23
CA ASP A 56 -6.12 -0.73 -10.22
C ASP A 56 -7.23 0.11 -10.86
N PRO A 57 -8.27 0.40 -10.07
CA PRO A 57 -9.42 1.19 -10.53
C PRO A 57 -9.05 2.65 -10.74
N ILE A 58 -8.14 3.15 -9.93
CA ILE A 58 -7.70 4.55 -10.04
C ILE A 58 -6.95 4.79 -11.34
N SER A 59 -7.71 5.11 -12.39
CA SER A 59 -7.11 5.38 -13.70
C SER A 59 -7.59 6.72 -14.25
N GLY A 60 -6.79 7.29 -15.16
CA GLY A 60 -7.14 8.57 -15.74
C GLY A 60 -6.44 8.81 -17.07
N PRO A 61 -6.37 10.08 -17.47
CA PRO A 61 -5.73 10.47 -18.74
C PRO A 61 -4.21 10.29 -18.70
N SER A 62 -3.64 9.80 -19.79
CA SER A 62 -2.20 9.57 -19.86
C SER A 62 -1.45 10.89 -19.65
N SER A 63 -0.38 10.82 -18.85
CA SER A 63 0.43 12.00 -18.56
C SER A 63 1.91 11.66 -18.59
N GLY A 64 2.67 12.39 -19.40
CA GLY A 64 4.10 12.15 -19.50
C GLY A 64 4.78 13.11 -20.46
N GLY A 1 11.24 -10.28 19.01
CA GLY A 1 11.05 -10.68 20.40
C GLY A 1 10.42 -9.58 21.24
N SER A 2 9.34 -9.90 21.92
CA SER A 2 8.65 -8.94 22.76
C SER A 2 8.66 -7.55 22.12
N SER A 3 8.43 -7.51 20.81
CA SER A 3 8.42 -6.25 20.07
C SER A 3 6.99 -5.81 19.77
N GLY A 4 6.19 -6.74 19.27
CA GLY A 4 4.81 -6.44 18.94
C GLY A 4 3.86 -6.76 20.08
N SER A 5 2.56 -6.63 19.83
CA SER A 5 1.55 -6.91 20.84
C SER A 5 0.46 -7.82 20.27
N SER A 6 -0.01 -7.50 19.08
CA SER A 6 -1.06 -8.29 18.43
C SER A 6 -0.84 -8.35 16.92
N GLY A 7 -1.28 -9.45 16.31
CA GLY A 7 -1.11 -9.62 14.88
C GLY A 7 -1.87 -8.57 14.09
N SER A 8 -3.12 -8.32 14.47
CA SER A 8 -3.95 -7.35 13.77
C SER A 8 -3.65 -5.93 14.27
N SER A 9 -2.63 -5.32 13.69
CA SER A 9 -2.23 -3.97 14.08
C SER A 9 -2.23 -3.04 12.86
N PRO A 10 -3.42 -2.56 12.48
CA PRO A 10 -3.58 -1.65 11.34
C PRO A 10 -3.01 -0.27 11.61
N SER A 11 -1.69 -0.14 11.43
CA SER A 11 -1.02 1.14 11.67
C SER A 11 -0.52 1.73 10.35
N LEU A 12 0.24 0.94 9.60
CA LEU A 12 0.78 1.38 8.32
C LEU A 12 -0.30 1.37 7.24
N LEU A 13 -1.29 0.51 7.42
CA LEU A 13 -2.38 0.41 6.46
C LEU A 13 -3.39 1.55 6.64
N GLU A 14 -3.49 2.04 7.86
CA GLU A 14 -4.41 3.13 8.17
C GLU A 14 -4.36 4.20 7.08
N PRO A 15 -3.16 4.76 6.87
CA PRO A 15 -2.95 5.81 5.86
C PRO A 15 -3.06 5.27 4.44
N LEU A 16 -2.54 4.07 4.22
CA LEU A 16 -2.58 3.44 2.90
C LEU A 16 -3.99 2.97 2.57
N LEU A 17 -4.85 2.93 3.59
CA LEU A 17 -6.23 2.49 3.41
C LEU A 17 -7.16 3.69 3.22
N ALA A 18 -6.99 4.70 4.06
CA ALA A 18 -7.82 5.90 3.99
C ALA A 18 -7.58 6.64 2.67
N MET A 19 -6.45 6.36 2.04
CA MET A 19 -6.10 7.00 0.77
C MET A 19 -6.91 6.40 -0.38
N GLY A 20 -7.35 5.16 -0.20
CA GLY A 20 -8.12 4.50 -1.23
C GLY A 20 -7.55 3.14 -1.60
N PHE A 21 -6.25 2.98 -1.40
CA PHE A 21 -5.58 1.73 -1.72
C PHE A 21 -6.05 0.61 -0.80
N PRO A 22 -6.23 -0.60 -1.38
CA PRO A 22 -6.68 -1.78 -0.63
C PRO A 22 -5.63 -2.28 0.35
N VAL A 23 -5.80 -3.52 0.81
CA VAL A 23 -4.86 -4.12 1.75
C VAL A 23 -3.71 -4.80 1.01
N HIS A 24 -4.05 -5.75 0.14
CA HIS A 24 -3.04 -6.46 -0.62
C HIS A 24 -2.08 -5.49 -1.30
N THR A 25 -2.59 -4.35 -1.72
CA THR A 25 -1.77 -3.33 -2.38
C THR A 25 -0.90 -2.59 -1.37
N ALA A 26 -1.53 -2.00 -0.36
CA ALA A 26 -0.81 -1.27 0.67
C ALA A 26 0.31 -2.12 1.27
N LEU A 27 0.06 -3.41 1.40
CA LEU A 27 1.04 -4.34 1.95
C LEU A 27 2.25 -4.47 1.03
N LYS A 28 1.99 -4.64 -0.26
CA LYS A 28 3.05 -4.77 -1.25
C LYS A 28 3.99 -3.56 -1.20
N ALA A 29 3.41 -2.37 -1.25
CA ALA A 29 4.19 -1.14 -1.22
C ALA A 29 4.98 -1.03 0.07
N LEU A 30 4.36 -1.42 1.18
CA LEU A 30 5.01 -1.36 2.48
C LEU A 30 6.23 -2.28 2.52
N ALA A 31 6.00 -3.57 2.28
CA ALA A 31 7.07 -4.54 2.29
C ALA A 31 8.19 -4.15 1.32
N ALA A 32 7.80 -3.47 0.25
CA ALA A 32 8.76 -3.03 -0.76
C ALA A 32 9.70 -1.96 -0.19
N THR A 33 9.12 -0.91 0.37
CA THR A 33 9.89 0.19 0.94
C THR A 33 10.61 -0.26 2.21
N GLY A 34 10.07 -1.30 2.85
CA GLY A 34 10.66 -1.80 4.08
C GLY A 34 9.96 -1.28 5.32
N ARG A 35 8.64 -1.27 5.28
CA ARG A 35 7.84 -0.80 6.42
C ARG A 35 8.50 0.42 7.06
N LYS A 36 8.94 1.36 6.23
CA LYS A 36 9.59 2.58 6.72
C LYS A 36 8.55 3.58 7.20
N THR A 37 7.73 4.08 6.27
CA THR A 37 6.70 5.05 6.60
C THR A 37 5.53 4.96 5.63
N ALA A 38 4.37 5.46 6.07
CA ALA A 38 3.18 5.44 5.23
C ALA A 38 3.43 6.06 3.86
N GLU A 39 4.15 7.19 3.87
CA GLU A 39 4.47 7.89 2.63
C GLU A 39 5.27 7.00 1.69
N GLU A 40 6.36 6.43 2.20
CA GLU A 40 7.21 5.56 1.41
C GLU A 40 6.37 4.67 0.49
N ALA A 41 5.29 4.10 1.04
CA ALA A 41 4.41 3.23 0.26
C ALA A 41 3.85 3.96 -0.94
N LEU A 42 3.48 5.23 -0.75
CA LEU A 42 2.93 6.03 -1.83
C LEU A 42 3.95 6.22 -2.95
N ALA A 43 5.21 6.35 -2.58
CA ALA A 43 6.28 6.53 -3.56
C ALA A 43 6.50 5.25 -4.37
N TRP A 44 6.15 4.11 -3.77
CA TRP A 44 6.32 2.82 -4.44
C TRP A 44 5.10 2.49 -5.29
N LEU A 45 3.93 2.98 -4.87
CA LEU A 45 2.70 2.74 -5.58
C LEU A 45 2.60 3.63 -6.82
N HIS A 46 3.06 4.86 -6.69
CA HIS A 46 3.02 5.81 -7.80
C HIS A 46 4.02 5.42 -8.89
N ASP A 47 4.87 4.45 -8.57
CA ASP A 47 5.88 3.97 -9.52
C ASP A 47 5.52 2.57 -10.03
N HIS A 48 4.72 1.85 -9.25
CA HIS A 48 4.32 0.50 -9.62
C HIS A 48 2.97 0.52 -10.34
N CYS A 49 2.02 1.27 -9.79
CA CYS A 49 0.69 1.37 -10.37
C CYS A 49 0.76 1.30 -11.89
N ASN A 50 1.78 1.92 -12.46
CA ASN A 50 1.95 1.93 -13.91
C ASN A 50 2.77 0.72 -14.37
N ASP A 51 2.22 -0.47 -14.19
CA ASP A 51 2.89 -1.69 -14.59
C ASP A 51 1.90 -2.69 -15.18
N PRO A 52 2.34 -3.42 -16.22
CA PRO A 52 1.50 -4.41 -16.90
C PRO A 52 1.27 -5.64 -16.03
N SER A 53 1.94 -5.70 -14.89
CA SER A 53 1.80 -6.83 -13.97
C SER A 53 0.75 -6.54 -12.91
N LEU A 54 0.38 -5.27 -12.78
CA LEU A 54 -0.62 -4.86 -11.80
C LEU A 54 -1.91 -4.42 -12.49
N ASP A 55 -2.74 -5.40 -12.85
CA ASP A 55 -4.01 -5.12 -13.50
C ASP A 55 -4.61 -3.82 -12.99
N ASP A 56 -4.97 -3.80 -11.71
CA ASP A 56 -5.57 -2.61 -11.10
C ASP A 56 -5.21 -2.54 -9.62
N PRO A 57 -5.09 -1.31 -9.10
CA PRO A 57 -4.76 -1.07 -7.69
C PRO A 57 -5.89 -1.45 -6.75
N ILE A 58 -7.11 -1.02 -7.10
CA ILE A 58 -8.28 -1.32 -6.29
C ILE A 58 -8.82 -2.71 -6.60
N SER A 59 -9.32 -3.39 -5.56
CA SER A 59 -9.86 -4.74 -5.72
C SER A 59 -11.32 -4.78 -5.29
N GLY A 60 -12.23 -4.65 -6.24
CA GLY A 60 -13.64 -4.69 -5.94
C GLY A 60 -14.44 -3.73 -6.79
N PRO A 61 -14.78 -4.17 -8.02
CA PRO A 61 -15.55 -3.35 -8.97
C PRO A 61 -17.00 -3.19 -8.53
N SER A 62 -17.71 -2.26 -9.18
CA SER A 62 -19.10 -2.00 -8.86
C SER A 62 -19.98 -2.14 -10.10
N SER A 63 -19.54 -1.53 -11.20
CA SER A 63 -20.30 -1.58 -12.45
C SER A 63 -20.46 -3.02 -12.93
N GLY A 64 -21.57 -3.65 -12.56
CA GLY A 64 -21.83 -5.01 -12.95
C GLY A 64 -22.36 -5.86 -11.81
N GLY A 1 6.64 -16.42 8.84
CA GLY A 1 7.56 -15.58 9.57
C GLY A 1 7.72 -14.21 8.95
N SER A 2 6.68 -13.39 9.04
CA SER A 2 6.71 -12.05 8.48
C SER A 2 6.82 -12.10 6.96
N SER A 3 6.07 -13.01 6.35
CA SER A 3 6.08 -13.17 4.91
C SER A 3 5.75 -11.84 4.21
N GLY A 4 6.75 -11.27 3.56
CA GLY A 4 6.56 -10.01 2.87
C GLY A 4 6.73 -8.80 3.78
N SER A 5 5.68 -8.46 4.52
CA SER A 5 5.72 -7.33 5.43
C SER A 5 6.01 -7.78 6.85
N SER A 6 6.40 -6.84 7.70
CA SER A 6 6.72 -7.15 9.10
C SER A 6 5.56 -6.76 10.01
N GLY A 7 5.09 -5.52 9.87
CA GLY A 7 4.00 -5.04 10.69
C GLY A 7 2.77 -5.92 10.59
N SER A 8 2.13 -6.18 11.72
CA SER A 8 0.93 -7.02 11.75
C SER A 8 -0.32 -6.17 11.90
N SER A 9 -0.19 -5.04 12.58
CA SER A 9 -1.31 -4.14 12.81
C SER A 9 -1.53 -3.24 11.59
N PRO A 10 -2.80 -2.89 11.34
CA PRO A 10 -3.17 -2.04 10.20
C PRO A 10 -2.71 -0.60 10.39
N SER A 11 -2.00 -0.34 11.48
CA SER A 11 -1.49 0.99 11.78
C SER A 11 -0.91 1.65 10.52
N LEU A 12 -0.04 0.92 9.84
CA LEU A 12 0.58 1.42 8.63
C LEU A 12 -0.40 1.42 7.46
N LEU A 13 -1.43 0.58 7.56
CA LEU A 13 -2.45 0.48 6.53
C LEU A 13 -3.46 1.61 6.64
N GLU A 14 -3.62 2.13 7.85
CA GLU A 14 -4.56 3.22 8.10
C GLU A 14 -4.47 4.27 7.00
N PRO A 15 -3.27 4.84 6.82
CA PRO A 15 -3.02 5.88 5.80
C PRO A 15 -3.08 5.32 4.39
N LEU A 16 -2.57 4.11 4.22
CA LEU A 16 -2.56 3.45 2.92
C LEU A 16 -3.95 2.95 2.54
N LEU A 17 -4.84 2.92 3.53
CA LEU A 17 -6.21 2.46 3.30
C LEU A 17 -7.15 3.64 3.07
N ALA A 18 -7.04 4.65 3.93
CA ALA A 18 -7.87 5.85 3.82
C ALA A 18 -7.59 6.59 2.53
N MET A 19 -6.40 6.39 1.98
CA MET A 19 -6.01 7.05 0.73
C MET A 19 -6.76 6.45 -0.46
N GLY A 20 -7.17 5.20 -0.32
CA GLY A 20 -7.89 4.53 -1.38
C GLY A 20 -7.32 3.16 -1.72
N PHE A 21 -6.00 3.03 -1.58
CA PHE A 21 -5.32 1.76 -1.87
C PHE A 21 -5.85 0.65 -0.95
N PRO A 22 -6.04 -0.54 -1.53
CA PRO A 22 -6.53 -1.71 -0.79
C PRO A 22 -5.50 -2.23 0.20
N VAL A 23 -5.72 -3.46 0.67
CA VAL A 23 -4.81 -4.09 1.63
C VAL A 23 -3.65 -4.77 0.92
N HIS A 24 -3.97 -5.70 0.03
CA HIS A 24 -2.95 -6.42 -0.73
C HIS A 24 -1.96 -5.47 -1.38
N THR A 25 -2.46 -4.31 -1.81
CA THR A 25 -1.62 -3.31 -2.46
C THR A 25 -0.78 -2.55 -1.43
N ALA A 26 -1.46 -1.99 -0.43
CA ALA A 26 -0.77 -1.25 0.62
C ALA A 26 0.32 -2.09 1.27
N LEU A 27 0.08 -3.39 1.37
CA LEU A 27 1.05 -4.31 1.96
C LEU A 27 2.28 -4.44 1.09
N LYS A 28 2.07 -4.56 -0.21
CA LYS A 28 3.17 -4.69 -1.16
C LYS A 28 4.13 -3.51 -1.06
N ALA A 29 3.58 -2.29 -1.09
CA ALA A 29 4.39 -1.08 -0.99
C ALA A 29 5.16 -1.05 0.33
N LEU A 30 4.49 -1.43 1.41
CA LEU A 30 5.12 -1.44 2.73
C LEU A 30 6.28 -2.43 2.77
N ALA A 31 6.01 -3.67 2.41
CA ALA A 31 7.04 -4.70 2.40
C ALA A 31 8.16 -4.36 1.43
N ALA A 32 7.81 -3.69 0.34
CA ALA A 32 8.79 -3.30 -0.67
C ALA A 32 9.68 -2.18 -0.14
N THR A 33 9.07 -1.10 0.33
CA THR A 33 9.81 0.03 0.86
C THR A 33 10.69 -0.37 2.03
N GLY A 34 10.07 -1.05 3.00
CA GLY A 34 10.81 -1.49 4.18
C GLY A 34 10.11 -1.14 5.47
N ARG A 35 8.78 -1.15 5.44
CA ARG A 35 7.98 -0.82 6.62
C ARG A 35 8.58 0.37 7.36
N LYS A 36 9.08 1.34 6.61
CA LYS A 36 9.68 2.54 7.20
C LYS A 36 8.60 3.55 7.58
N THR A 37 7.98 4.14 6.56
CA THR A 37 6.94 5.13 6.78
C THR A 37 5.80 4.98 5.78
N ALA A 38 4.63 5.49 6.14
CA ALA A 38 3.47 5.41 5.25
C ALA A 38 3.75 6.05 3.90
N GLU A 39 4.40 7.21 3.93
CA GLU A 39 4.73 7.93 2.70
C GLU A 39 5.48 7.03 1.73
N GLU A 40 6.60 6.48 2.20
CA GLU A 40 7.42 5.60 1.36
C GLU A 40 6.55 4.70 0.50
N ALA A 41 5.51 4.13 1.10
CA ALA A 41 4.60 3.25 0.39
C ALA A 41 3.99 3.96 -0.83
N LEU A 42 3.61 5.21 -0.64
CA LEU A 42 3.01 6.01 -1.71
C LEU A 42 3.99 6.15 -2.87
N ALA A 43 5.26 6.33 -2.56
CA ALA A 43 6.29 6.48 -3.58
C ALA A 43 6.46 5.20 -4.39
N TRP A 44 6.11 4.07 -3.77
CA TRP A 44 6.22 2.78 -4.44
C TRP A 44 4.94 2.43 -5.18
N LEU A 45 3.82 2.96 -4.70
CA LEU A 45 2.52 2.71 -5.32
C LEU A 45 2.35 3.57 -6.57
N HIS A 46 2.86 4.80 -6.52
CA HIS A 46 2.75 5.71 -7.64
C HIS A 46 3.67 5.28 -8.79
N ASP A 47 4.62 4.41 -8.48
CA ASP A 47 5.57 3.92 -9.48
C ASP A 47 5.15 2.54 -9.98
N HIS A 48 4.48 1.78 -9.12
CA HIS A 48 4.02 0.43 -9.47
C HIS A 48 2.61 0.49 -10.06
N CYS A 49 1.71 1.19 -9.38
CA CYS A 49 0.33 1.32 -9.84
C CYS A 49 0.28 1.51 -11.35
N ASN A 50 1.36 2.03 -11.92
CA ASN A 50 1.43 2.27 -13.35
C ASN A 50 1.96 1.05 -14.08
N ASP A 51 1.39 -0.11 -13.79
CA ASP A 51 1.81 -1.36 -14.42
C ASP A 51 0.61 -2.12 -14.97
N PRO A 52 0.81 -2.79 -16.12
CA PRO A 52 -0.25 -3.57 -16.78
C PRO A 52 -0.60 -4.83 -15.99
N SER A 53 0.27 -5.21 -15.07
CA SER A 53 0.04 -6.40 -14.25
C SER A 53 -0.50 -6.02 -12.88
N LEU A 54 -0.39 -4.75 -12.53
CA LEU A 54 -0.87 -4.26 -11.24
C LEU A 54 -2.14 -3.42 -11.42
N ASP A 55 -3.07 -3.92 -12.22
CA ASP A 55 -4.32 -3.22 -12.48
C ASP A 55 -4.89 -2.64 -11.19
N ASP A 56 -5.17 -1.35 -11.19
CA ASP A 56 -5.72 -0.68 -10.02
C ASP A 56 -7.18 -0.29 -10.25
N PRO A 57 -7.98 -0.36 -9.18
CA PRO A 57 -9.40 -0.02 -9.24
C PRO A 57 -9.65 1.47 -9.44
N ILE A 58 -8.87 2.29 -8.73
CA ILE A 58 -8.99 3.73 -8.84
C ILE A 58 -9.27 4.17 -10.27
N SER A 59 -10.55 4.36 -10.59
CA SER A 59 -10.94 4.77 -11.93
C SER A 59 -10.15 5.99 -12.38
N GLY A 60 -9.17 5.76 -13.25
CA GLY A 60 -8.35 6.86 -13.74
C GLY A 60 -7.98 7.84 -12.65
N PRO A 61 -7.64 9.07 -13.05
CA PRO A 61 -7.25 10.14 -12.12
C PRO A 61 -8.43 10.64 -11.29
N SER A 62 -9.62 10.14 -11.62
CA SER A 62 -10.83 10.54 -10.90
C SER A 62 -11.01 12.06 -10.95
N SER A 63 -10.89 12.62 -12.14
CA SER A 63 -11.04 14.07 -12.32
C SER A 63 -12.44 14.52 -11.91
N GLY A 64 -12.56 15.80 -11.57
CA GLY A 64 -13.84 16.34 -11.17
C GLY A 64 -14.33 15.74 -9.87
N GLY A 1 10.76 2.63 21.27
CA GLY A 1 9.59 2.40 20.42
C GLY A 1 8.55 1.53 21.09
N SER A 2 7.28 1.81 20.81
CA SER A 2 6.19 1.05 21.40
C SER A 2 6.06 -0.32 20.75
N SER A 3 5.96 -0.33 19.43
CA SER A 3 5.84 -1.58 18.69
C SER A 3 6.94 -2.56 19.09
N GLY A 4 6.88 -3.78 18.55
CA GLY A 4 7.88 -4.79 18.85
C GLY A 4 7.66 -6.07 18.08
N SER A 5 7.92 -7.20 18.72
CA SER A 5 7.76 -8.50 18.08
C SER A 5 6.57 -8.49 17.12
N SER A 6 5.50 -7.82 17.52
CA SER A 6 4.30 -7.74 16.71
C SER A 6 4.65 -7.48 15.24
N GLY A 7 4.20 -8.37 14.37
CA GLY A 7 4.49 -8.22 12.95
C GLY A 7 3.50 -7.29 12.26
N SER A 8 3.00 -7.72 11.10
CA SER A 8 2.05 -6.93 10.34
C SER A 8 1.09 -6.18 11.27
N SER A 9 0.77 -4.95 10.90
CA SER A 9 -0.13 -4.12 11.70
C SER A 9 -0.99 -3.23 10.82
N PRO A 10 -2.21 -2.94 11.28
CA PRO A 10 -3.16 -2.10 10.54
C PRO A 10 -2.72 -0.64 10.50
N SER A 11 -1.88 -0.26 11.45
CA SER A 11 -1.39 1.12 11.53
C SER A 11 -0.80 1.55 10.19
N LEU A 12 0.13 0.75 9.67
CA LEU A 12 0.78 1.05 8.41
C LEU A 12 -0.23 1.04 7.26
N LEU A 13 -1.41 0.49 7.52
CA LEU A 13 -2.46 0.42 6.52
C LEU A 13 -3.45 1.57 6.68
N GLU A 14 -3.57 2.06 7.91
CA GLU A 14 -4.48 3.17 8.19
C GLU A 14 -4.42 4.23 7.10
N PRO A 15 -3.22 4.78 6.88
CA PRO A 15 -3.00 5.82 5.87
C PRO A 15 -3.10 5.28 4.45
N LEU A 16 -2.58 4.07 4.25
CA LEU A 16 -2.61 3.43 2.93
C LEU A 16 -4.02 2.95 2.60
N LEU A 17 -4.89 2.93 3.61
CA LEU A 17 -6.27 2.49 3.42
C LEU A 17 -7.19 3.69 3.22
N ALA A 18 -7.04 4.70 4.06
CA ALA A 18 -7.86 5.91 3.98
C ALA A 18 -7.61 6.64 2.67
N MET A 19 -6.46 6.38 2.05
CA MET A 19 -6.10 7.02 0.78
C MET A 19 -6.90 6.41 -0.37
N GLY A 20 -7.34 5.17 -0.19
CA GLY A 20 -8.11 4.50 -1.23
C GLY A 20 -7.55 3.15 -1.59
N PHE A 21 -6.24 2.97 -1.38
CA PHE A 21 -5.58 1.71 -1.69
C PHE A 21 -6.03 0.61 -0.74
N PRO A 22 -6.25 -0.59 -1.28
CA PRO A 22 -6.70 -1.75 -0.50
C PRO A 22 -5.61 -2.27 0.43
N VAL A 23 -5.79 -3.49 0.92
CA VAL A 23 -4.83 -4.11 1.83
C VAL A 23 -3.72 -4.81 1.05
N HIS A 24 -4.11 -5.77 0.22
CA HIS A 24 -3.16 -6.52 -0.58
C HIS A 24 -2.17 -5.59 -1.28
N THR A 25 -2.66 -4.40 -1.65
CA THR A 25 -1.82 -3.41 -2.34
C THR A 25 -0.91 -2.70 -1.36
N ALA A 26 -1.51 -2.05 -0.36
CA ALA A 26 -0.74 -1.32 0.65
C ALA A 26 0.37 -2.19 1.22
N LEU A 27 0.11 -3.49 1.33
CA LEU A 27 1.09 -4.42 1.87
C LEU A 27 2.28 -4.57 0.92
N LYS A 28 1.99 -4.64 -0.38
CA LYS A 28 3.03 -4.77 -1.39
C LYS A 28 4.01 -3.60 -1.32
N ALA A 29 3.47 -2.38 -1.31
CA ALA A 29 4.29 -1.19 -1.25
C ALA A 29 5.01 -1.09 0.09
N LEU A 30 4.31 -1.45 1.16
CA LEU A 30 4.89 -1.40 2.50
C LEU A 30 6.18 -2.21 2.58
N ALA A 31 6.05 -3.52 2.36
CA ALA A 31 7.20 -4.41 2.39
C ALA A 31 8.27 -3.97 1.40
N ALA A 32 7.84 -3.46 0.25
CA ALA A 32 8.75 -2.99 -0.78
C ALA A 32 9.69 -1.91 -0.25
N THR A 33 9.10 -0.92 0.41
CA THR A 33 9.87 0.18 0.97
C THR A 33 10.58 -0.24 2.26
N GLY A 34 9.94 -1.12 3.02
CA GLY A 34 10.52 -1.59 4.27
C GLY A 34 9.77 -1.09 5.48
N ARG A 35 8.45 -1.08 5.40
CA ARG A 35 7.62 -0.62 6.50
C ARG A 35 8.28 0.56 7.23
N LYS A 36 8.81 1.49 6.45
CA LYS A 36 9.47 2.67 7.01
C LYS A 36 8.45 3.74 7.39
N THR A 37 7.72 4.22 6.39
CA THR A 37 6.70 5.25 6.62
C THR A 37 5.61 5.18 5.57
N ALA A 38 4.36 5.31 6.01
CA ALA A 38 3.22 5.26 5.10
C ALA A 38 3.55 5.94 3.77
N GLU A 39 4.16 7.12 3.85
CA GLU A 39 4.54 7.86 2.66
C GLU A 39 5.32 7.00 1.69
N GLU A 40 6.41 6.41 2.17
CA GLU A 40 7.25 5.56 1.35
C GLU A 40 6.41 4.68 0.44
N ALA A 41 5.35 4.09 1.00
CA ALA A 41 4.46 3.22 0.24
C ALA A 41 3.89 3.95 -0.97
N LEU A 42 3.50 5.21 -0.76
CA LEU A 42 2.92 6.02 -1.83
C LEU A 42 3.93 6.20 -2.97
N ALA A 43 5.20 6.37 -2.61
CA ALA A 43 6.24 6.56 -3.60
C ALA A 43 6.47 5.27 -4.40
N TRP A 44 6.18 4.13 -3.78
CA TRP A 44 6.35 2.84 -4.45
C TRP A 44 5.13 2.50 -5.29
N LEU A 45 3.97 2.99 -4.87
CA LEU A 45 2.72 2.73 -5.58
C LEU A 45 2.61 3.61 -6.83
N HIS A 46 3.09 4.85 -6.72
CA HIS A 46 3.04 5.79 -7.82
C HIS A 46 3.97 5.33 -8.95
N ASP A 47 5.06 4.66 -8.59
CA ASP A 47 6.02 4.16 -9.57
C ASP A 47 5.58 2.81 -10.11
N HIS A 48 4.95 2.01 -9.26
CA HIS A 48 4.48 0.69 -9.67
C HIS A 48 3.14 0.77 -10.39
N CYS A 49 2.14 1.30 -9.69
CA CYS A 49 0.81 1.44 -10.26
C CYS A 49 0.88 1.75 -11.76
N ASN A 50 1.83 2.59 -12.13
CA ASN A 50 2.02 2.97 -13.53
C ASN A 50 1.77 1.78 -14.45
N ASP A 51 2.43 0.66 -14.15
CA ASP A 51 2.28 -0.55 -14.96
C ASP A 51 0.81 -0.82 -15.25
N PRO A 52 0.53 -1.28 -16.48
CA PRO A 52 -0.82 -1.60 -16.92
C PRO A 52 -1.40 -2.83 -16.23
N SER A 53 -0.53 -3.56 -15.52
CA SER A 53 -0.95 -4.75 -14.81
C SER A 53 -1.17 -4.46 -13.33
N LEU A 54 -0.66 -3.31 -12.88
CA LEU A 54 -0.81 -2.91 -11.48
C LEU A 54 -1.85 -1.81 -11.34
N ASP A 55 -2.95 -1.95 -12.06
CA ASP A 55 -4.03 -0.97 -12.02
C ASP A 55 -4.88 -1.15 -10.76
N ASP A 56 -5.72 -0.16 -10.48
CA ASP A 56 -6.58 -0.22 -9.30
C ASP A 56 -8.03 0.08 -9.67
N PRO A 57 -8.97 -0.44 -8.88
CA PRO A 57 -10.41 -0.25 -9.10
C PRO A 57 -10.85 1.19 -8.84
N ILE A 58 -9.90 2.01 -8.38
CA ILE A 58 -10.20 3.41 -8.08
C ILE A 58 -10.31 4.23 -9.36
N SER A 59 -11.34 5.05 -9.45
CA SER A 59 -11.57 5.88 -10.62
C SER A 59 -11.03 7.30 -10.39
N GLY A 60 -10.37 7.84 -11.40
CA GLY A 60 -9.83 9.18 -11.29
C GLY A 60 -8.86 9.32 -10.13
N PRO A 61 -7.59 8.93 -10.36
CA PRO A 61 -6.55 8.99 -9.33
C PRO A 61 -6.15 10.43 -9.01
N SER A 62 -6.51 11.35 -9.89
CA SER A 62 -6.18 12.77 -9.70
C SER A 62 -7.35 13.65 -10.12
N SER A 63 -7.58 14.72 -9.35
CA SER A 63 -8.66 15.65 -9.64
C SER A 63 -8.20 17.09 -9.51
N GLY A 64 -8.63 17.94 -10.45
CA GLY A 64 -8.24 19.33 -10.41
C GLY A 64 -7.36 19.72 -11.57
N GLY A 1 -1.15 -11.13 16.13
CA GLY A 1 -1.02 -11.06 17.57
C GLY A 1 0.35 -11.48 18.05
N SER A 2 1.19 -10.50 18.37
CA SER A 2 2.55 -10.77 18.84
C SER A 2 3.07 -9.61 19.67
N SER A 3 4.08 -9.90 20.49
CA SER A 3 4.67 -8.88 21.35
C SER A 3 5.67 -8.02 20.58
N GLY A 4 6.09 -6.91 21.18
CA GLY A 4 7.03 -6.02 20.53
C GLY A 4 6.56 -5.59 19.16
N SER A 5 7.38 -5.88 18.14
CA SER A 5 7.05 -5.51 16.77
C SER A 5 7.16 -6.72 15.84
N SER A 6 6.06 -7.47 15.73
CA SER A 6 6.03 -8.65 14.88
C SER A 6 4.65 -8.85 14.27
N GLY A 7 4.62 -9.33 13.03
CA GLY A 7 3.36 -9.56 12.36
C GLY A 7 2.93 -8.38 11.51
N SER A 8 1.73 -7.86 11.78
CA SER A 8 1.21 -6.73 11.03
C SER A 8 0.37 -5.83 11.93
N SER A 9 -0.05 -4.68 11.38
CA SER A 9 -0.85 -3.73 12.14
C SER A 9 -1.52 -2.72 11.20
N PRO A 10 -2.74 -2.31 11.56
CA PRO A 10 -3.52 -1.35 10.77
C PRO A 10 -2.93 0.05 10.82
N SER A 11 -1.79 0.19 11.51
CA SER A 11 -1.13 1.48 11.64
C SER A 11 -0.66 2.00 10.28
N LEU A 12 0.13 1.18 9.60
CA LEU A 12 0.64 1.55 8.29
C LEU A 12 -0.45 1.50 7.23
N LEU A 13 -1.39 0.58 7.42
CA LEU A 13 -2.50 0.43 6.48
C LEU A 13 -3.51 1.57 6.63
N GLU A 14 -3.67 2.05 7.85
CA GLU A 14 -4.60 3.14 8.13
C GLU A 14 -4.50 4.22 7.06
N PRO A 15 -3.29 4.78 6.90
CA PRO A 15 -3.04 5.83 5.91
C PRO A 15 -3.10 5.31 4.47
N LEU A 16 -2.57 4.11 4.27
CA LEU A 16 -2.56 3.50 2.95
C LEU A 16 -3.94 3.02 2.56
N LEU A 17 -4.85 2.98 3.54
CA LEU A 17 -6.22 2.54 3.30
C LEU A 17 -7.14 3.75 3.08
N ALA A 18 -7.02 4.74 3.95
CA ALA A 18 -7.84 5.94 3.85
C ALA A 18 -7.54 6.70 2.57
N MET A 19 -6.39 6.42 1.97
CA MET A 19 -5.99 7.07 0.73
C MET A 19 -6.74 6.49 -0.46
N GLY A 20 -7.16 5.24 -0.34
CA GLY A 20 -7.89 4.59 -1.41
C GLY A 20 -7.30 3.24 -1.76
N PHE A 21 -6.01 3.05 -1.49
CA PHE A 21 -5.34 1.79 -1.79
C PHE A 21 -5.84 0.68 -0.88
N PRO A 22 -6.04 -0.51 -1.46
CA PRO A 22 -6.53 -1.68 -0.72
C PRO A 22 -5.49 -2.22 0.26
N VAL A 23 -5.70 -3.45 0.72
CA VAL A 23 -4.78 -4.09 1.65
C VAL A 23 -3.63 -4.77 0.92
N HIS A 24 -3.99 -5.71 0.03
CA HIS A 24 -2.99 -6.44 -0.73
C HIS A 24 -2.00 -5.48 -1.40
N THR A 25 -2.48 -4.33 -1.82
CA THR A 25 -1.64 -3.33 -2.46
C THR A 25 -0.74 -2.63 -1.45
N ALA A 26 -1.36 -2.03 -0.44
CA ALA A 26 -0.62 -1.34 0.60
C ALA A 26 0.48 -2.22 1.19
N LEU A 27 0.18 -3.51 1.34
CA LEU A 27 1.14 -4.45 1.88
C LEU A 27 2.35 -4.59 0.96
N LYS A 28 2.10 -4.65 -0.33
CA LYS A 28 3.17 -4.78 -1.32
C LYS A 28 4.12 -3.59 -1.23
N ALA A 29 3.56 -2.38 -1.25
CA ALA A 29 4.36 -1.17 -1.18
C ALA A 29 5.10 -1.08 0.15
N LEU A 30 4.44 -1.50 1.21
CA LEU A 30 5.02 -1.47 2.55
C LEU A 30 6.21 -2.42 2.65
N ALA A 31 5.94 -3.70 2.42
CA ALA A 31 6.99 -4.73 2.49
C ALA A 31 8.12 -4.41 1.51
N ALA A 32 7.78 -3.67 0.45
CA ALA A 32 8.77 -3.30 -0.56
C ALA A 32 9.63 -2.13 -0.09
N THR A 33 9.00 -1.17 0.58
CA THR A 33 9.70 0.00 1.08
C THR A 33 10.37 -0.29 2.42
N GLY A 34 10.23 -1.53 2.89
CA GLY A 34 10.83 -1.91 4.15
C GLY A 34 10.01 -1.46 5.35
N ARG A 35 8.69 -1.62 5.25
CA ARG A 35 7.80 -1.22 6.33
C ARG A 35 8.32 0.03 7.03
N LYS A 36 8.68 1.04 6.24
CA LYS A 36 9.18 2.30 6.79
C LYS A 36 8.04 3.18 7.27
N THR A 37 7.19 3.61 6.34
CA THR A 37 6.06 4.46 6.67
C THR A 37 5.10 4.59 5.49
N ALA A 38 3.90 5.10 5.76
CA ALA A 38 2.90 5.28 4.72
C ALA A 38 3.49 5.99 3.51
N GLU A 39 4.00 7.21 3.73
CA GLU A 39 4.60 7.99 2.66
C GLU A 39 5.46 7.11 1.75
N GLU A 40 6.45 6.46 2.35
CA GLU A 40 7.35 5.59 1.59
C GLU A 40 6.57 4.68 0.66
N ALA A 41 5.47 4.12 1.16
CA ALA A 41 4.63 3.23 0.37
C ALA A 41 4.06 3.95 -0.85
N LEU A 42 3.64 5.20 -0.65
CA LEU A 42 3.08 6.00 -1.73
C LEU A 42 4.07 6.15 -2.87
N ALA A 43 5.34 6.34 -2.52
CA ALA A 43 6.39 6.49 -3.52
C ALA A 43 6.55 5.23 -4.36
N TRP A 44 6.13 4.10 -3.80
CA TRP A 44 6.23 2.82 -4.49
C TRP A 44 4.94 2.50 -5.23
N LEU A 45 3.83 3.05 -4.74
CA LEU A 45 2.53 2.82 -5.36
C LEU A 45 2.37 3.66 -6.61
N HIS A 46 2.95 4.86 -6.59
CA HIS A 46 2.88 5.76 -7.74
C HIS A 46 3.65 5.20 -8.93
N ASP A 47 4.64 4.36 -8.64
CA ASP A 47 5.45 3.75 -9.68
C ASP A 47 4.94 2.35 -10.03
N HIS A 48 4.38 1.67 -9.04
CA HIS A 48 3.85 0.32 -9.25
C HIS A 48 2.32 0.35 -9.34
N CYS A 49 1.79 1.39 -9.97
CA CYS A 49 0.35 1.53 -10.13
C CYS A 49 -0.07 1.31 -11.57
N ASN A 50 0.76 1.77 -12.50
CA ASN A 50 0.47 1.62 -13.93
C ASN A 50 0.88 0.23 -14.42
N ASP A 51 0.43 -0.79 -13.70
CA ASP A 51 0.75 -2.17 -14.07
C ASP A 51 -0.52 -3.02 -14.17
N PRO A 52 -0.53 -3.95 -15.14
CA PRO A 52 -1.68 -4.83 -15.37
C PRO A 52 -1.87 -5.85 -14.24
N SER A 53 -0.75 -6.38 -13.74
CA SER A 53 -0.79 -7.37 -12.66
C SER A 53 -1.20 -6.71 -11.35
N LEU A 54 -1.18 -5.38 -11.32
CA LEU A 54 -1.54 -4.64 -10.13
C LEU A 54 -2.87 -3.91 -10.32
N ASP A 55 -3.82 -4.60 -10.93
CA ASP A 55 -5.14 -4.02 -11.18
C ASP A 55 -5.67 -3.33 -9.92
N ASP A 56 -6.28 -2.17 -10.10
CA ASP A 56 -6.84 -1.41 -8.98
C ASP A 56 -8.31 -1.10 -9.21
N PRO A 57 -9.06 -0.97 -8.11
CA PRO A 57 -10.50 -0.67 -8.17
C PRO A 57 -10.78 0.76 -8.65
N ILE A 58 -9.89 1.68 -8.28
CA ILE A 58 -10.05 3.08 -8.67
C ILE A 58 -10.32 3.20 -10.16
N SER A 59 -11.40 3.89 -10.50
CA SER A 59 -11.78 4.08 -11.90
C SER A 59 -12.05 2.74 -12.58
N GLY A 60 -12.66 1.81 -11.84
CA GLY A 60 -12.96 0.51 -12.38
C GLY A 60 -11.91 0.03 -13.37
N PRO A 61 -12.17 0.25 -14.67
CA PRO A 61 -11.25 -0.16 -15.74
C PRO A 61 -9.98 0.68 -15.75
N SER A 62 -8.89 0.10 -15.26
CA SER A 62 -7.61 0.80 -15.22
C SER A 62 -6.72 0.36 -16.38
N SER A 63 -7.33 0.07 -17.52
CA SER A 63 -6.60 -0.37 -18.70
C SER A 63 -6.02 0.84 -19.44
N GLY A 64 -5.04 0.57 -20.31
CA GLY A 64 -4.41 1.64 -21.07
C GLY A 64 -3.99 2.79 -20.20
N GLY A 1 7.86 0.33 21.37
CA GLY A 1 8.16 -1.09 21.19
C GLY A 1 8.19 -1.49 19.73
N SER A 2 8.82 -2.63 19.45
CA SER A 2 8.92 -3.13 18.08
C SER A 2 8.01 -4.33 17.87
N SER A 3 7.84 -4.72 16.61
CA SER A 3 7.00 -5.86 16.28
C SER A 3 7.76 -6.88 15.44
N GLY A 4 7.90 -8.09 15.98
CA GLY A 4 8.61 -9.14 15.27
C GLY A 4 8.13 -9.31 13.84
N SER A 5 8.75 -10.23 13.12
CA SER A 5 8.38 -10.47 11.72
C SER A 5 6.97 -11.06 11.63
N SER A 6 6.79 -12.24 12.21
CA SER A 6 5.50 -12.90 12.20
C SER A 6 4.41 -11.99 12.76
N GLY A 7 3.47 -11.59 11.90
CA GLY A 7 2.39 -10.73 12.33
C GLY A 7 2.27 -9.48 11.46
N SER A 8 1.15 -8.77 11.60
CA SER A 8 0.92 -7.57 10.83
C SER A 8 -0.20 -6.73 11.45
N SER A 9 0.01 -5.43 11.50
CA SER A 9 -0.98 -4.51 12.08
C SER A 9 -1.50 -3.54 11.02
N PRO A 10 -2.79 -3.21 11.12
CA PRO A 10 -3.43 -2.28 10.18
C PRO A 10 -2.95 -0.84 10.35
N SER A 11 -2.00 -0.65 11.26
CA SER A 11 -1.45 0.67 11.52
C SER A 11 -0.86 1.28 10.25
N LEU A 12 0.09 0.58 9.65
CA LEU A 12 0.73 1.04 8.43
C LEU A 12 -0.27 1.08 7.26
N LEU A 13 -1.42 0.44 7.46
CA LEU A 13 -2.45 0.39 6.44
C LEU A 13 -3.44 1.54 6.61
N GLU A 14 -3.57 2.02 7.85
CA GLU A 14 -4.49 3.11 8.16
C GLU A 14 -4.42 4.19 7.08
N PRO A 15 -3.22 4.75 6.88
CA PRO A 15 -2.99 5.80 5.89
C PRO A 15 -3.09 5.28 4.46
N LEU A 16 -2.56 4.09 4.24
CA LEU A 16 -2.58 3.47 2.91
C LEU A 16 -3.99 3.00 2.56
N LEU A 17 -4.87 2.95 3.56
CA LEU A 17 -6.24 2.52 3.35
C LEU A 17 -7.17 3.73 3.16
N ALA A 18 -7.03 4.71 4.04
CA ALA A 18 -7.84 5.92 3.97
C ALA A 18 -7.58 6.69 2.68
N MET A 19 -6.44 6.42 2.06
CA MET A 19 -6.07 7.09 0.82
C MET A 19 -6.84 6.50 -0.36
N GLY A 20 -7.25 5.24 -0.22
CA GLY A 20 -7.99 4.58 -1.29
C GLY A 20 -7.40 3.24 -1.66
N PHE A 21 -6.10 3.10 -1.47
CA PHE A 21 -5.42 1.84 -1.79
C PHE A 21 -5.92 0.71 -0.92
N PRO A 22 -6.07 -0.48 -1.52
CA PRO A 22 -6.54 -1.67 -0.80
C PRO A 22 -5.52 -2.20 0.20
N VAL A 23 -5.71 -3.44 0.63
CA VAL A 23 -4.80 -4.06 1.59
C VAL A 23 -3.64 -4.74 0.88
N HIS A 24 -3.97 -5.66 -0.02
CA HIS A 24 -2.95 -6.40 -0.79
C HIS A 24 -1.95 -5.43 -1.42
N THR A 25 -2.45 -4.29 -1.88
CA THR A 25 -1.61 -3.28 -2.52
C THR A 25 -0.78 -2.54 -1.48
N ALA A 26 -1.44 -1.96 -0.48
CA ALA A 26 -0.77 -1.22 0.57
C ALA A 26 0.32 -2.05 1.22
N LEU A 27 0.09 -3.36 1.29
CA LEU A 27 1.05 -4.28 1.89
C LEU A 27 2.30 -4.41 1.01
N LYS A 28 2.07 -4.58 -0.28
CA LYS A 28 3.18 -4.73 -1.23
C LYS A 28 4.16 -3.55 -1.10
N ALA A 29 3.62 -2.34 -1.13
CA ALA A 29 4.44 -1.14 -1.01
C ALA A 29 5.17 -1.10 0.33
N LEU A 30 4.48 -1.50 1.39
CA LEU A 30 5.06 -1.51 2.72
C LEU A 30 6.28 -2.42 2.78
N ALA A 31 6.10 -3.68 2.43
CA ALA A 31 7.20 -4.65 2.42
C ALA A 31 8.24 -4.29 1.37
N ALA A 32 7.79 -3.69 0.28
CA ALA A 32 8.69 -3.30 -0.80
C ALA A 32 9.63 -2.19 -0.36
N THR A 33 9.07 -1.14 0.26
CA THR A 33 9.86 -0.01 0.73
C THR A 33 10.73 -0.42 1.92
N GLY A 34 10.11 -1.09 2.89
CA GLY A 34 10.84 -1.52 4.06
C GLY A 34 10.18 -1.07 5.35
N ARG A 35 8.85 -1.09 5.37
CA ARG A 35 8.10 -0.66 6.55
C ARG A 35 8.71 0.60 7.16
N LYS A 36 9.10 1.53 6.29
CA LYS A 36 9.68 2.79 6.74
C LYS A 36 8.60 3.75 7.23
N THR A 37 7.83 4.29 6.29
CA THR A 37 6.76 5.23 6.63
C THR A 37 5.61 5.12 5.64
N ALA A 38 4.43 5.56 6.06
CA ALA A 38 3.25 5.52 5.21
C ALA A 38 3.52 6.17 3.87
N GLU A 39 4.29 7.26 3.87
CA GLU A 39 4.63 7.97 2.65
C GLU A 39 5.41 7.07 1.69
N GLU A 40 6.50 6.50 2.19
CA GLU A 40 7.34 5.63 1.39
C GLU A 40 6.48 4.71 0.50
N ALA A 41 5.42 4.17 1.09
CA ALA A 41 4.53 3.29 0.35
C ALA A 41 3.91 4.00 -0.86
N LEU A 42 3.56 5.27 -0.67
CA LEU A 42 2.96 6.05 -1.75
C LEU A 42 3.94 6.22 -2.90
N ALA A 43 5.22 6.36 -2.59
CA ALA A 43 6.25 6.52 -3.60
C ALA A 43 6.45 5.22 -4.39
N TRP A 44 6.11 4.10 -3.76
CA TRP A 44 6.27 2.80 -4.40
C TRP A 44 4.99 2.41 -5.15
N LEU A 45 3.86 2.94 -4.69
CA LEU A 45 2.57 2.65 -5.32
C LEU A 45 2.39 3.48 -6.59
N HIS A 46 2.91 4.70 -6.58
CA HIS A 46 2.81 5.58 -7.73
C HIS A 46 3.76 5.16 -8.84
N ASP A 47 4.71 4.30 -8.48
CA ASP A 47 5.69 3.81 -9.45
C ASP A 47 5.30 2.42 -9.95
N HIS A 48 4.58 1.68 -9.13
CA HIS A 48 4.15 0.33 -9.48
C HIS A 48 2.75 0.35 -10.09
N CYS A 49 1.84 1.05 -9.43
CA CYS A 49 0.46 1.15 -9.89
C CYS A 49 0.41 1.21 -11.42
N ASN A 50 1.34 1.95 -12.01
CA ASN A 50 1.40 2.09 -13.46
C ASN A 50 1.09 0.76 -14.15
N ASP A 51 1.75 -0.29 -13.69
CA ASP A 51 1.55 -1.62 -14.27
C ASP A 51 0.09 -2.05 -14.14
N PRO A 52 -0.42 -2.71 -15.19
CA PRO A 52 -1.82 -3.18 -15.22
C PRO A 52 -2.05 -4.33 -14.25
N SER A 53 -1.04 -5.15 -14.03
CA SER A 53 -1.14 -6.29 -13.13
C SER A 53 -1.52 -5.83 -11.73
N LEU A 54 -1.41 -4.53 -11.49
CA LEU A 54 -1.74 -3.96 -10.19
C LEU A 54 -2.92 -3.00 -10.30
N ASP A 55 -4.13 -3.56 -10.29
CA ASP A 55 -5.35 -2.75 -10.38
C ASP A 55 -5.70 -2.16 -9.02
N ASP A 56 -6.59 -1.17 -9.03
CA ASP A 56 -7.03 -0.51 -7.80
C ASP A 56 -8.53 -0.24 -7.83
N PRO A 57 -9.16 -0.27 -6.65
CA PRO A 57 -10.59 -0.03 -6.51
C PRO A 57 -10.96 1.43 -6.78
N ILE A 58 -9.95 2.28 -6.86
CA ILE A 58 -10.17 3.71 -7.12
C ILE A 58 -10.40 3.97 -8.61
N SER A 59 -11.20 4.98 -8.91
CA SER A 59 -11.50 5.34 -10.29
C SER A 59 -10.81 6.64 -10.67
N GLY A 60 -10.96 7.65 -9.83
CA GLY A 60 -10.34 8.94 -10.10
C GLY A 60 -11.17 9.79 -11.04
N PRO A 61 -10.51 10.77 -11.69
CA PRO A 61 -11.18 11.68 -12.63
C PRO A 61 -11.59 10.97 -13.92
N SER A 62 -10.79 10.01 -14.35
CA SER A 62 -11.07 9.25 -15.56
C SER A 62 -11.75 7.92 -15.24
N SER A 63 -12.45 7.37 -16.21
CA SER A 63 -13.15 6.10 -16.03
C SER A 63 -12.80 5.12 -17.16
N GLY A 64 -13.04 5.55 -18.40
CA GLY A 64 -12.74 4.71 -19.54
C GLY A 64 -12.67 5.48 -20.84
N GLY A 1 -9.82 -8.65 20.15
CA GLY A 1 -10.52 -9.67 19.40
C GLY A 1 -10.79 -10.91 20.23
N SER A 2 -9.80 -11.79 20.31
CA SER A 2 -9.92 -13.02 21.06
C SER A 2 -8.69 -13.26 21.94
N SER A 3 -8.90 -13.97 23.05
CA SER A 3 -7.81 -14.26 23.97
C SER A 3 -6.65 -14.95 23.26
N GLY A 4 -5.46 -14.39 23.43
CA GLY A 4 -4.28 -14.97 22.78
C GLY A 4 -3.13 -13.99 22.70
N SER A 5 -2.93 -13.41 21.52
CA SER A 5 -1.86 -12.45 21.31
C SER A 5 -2.24 -11.43 20.24
N SER A 6 -2.16 -10.15 20.59
CA SER A 6 -2.50 -9.08 19.67
C SER A 6 -1.25 -8.49 19.05
N GLY A 7 -0.86 -9.01 17.89
CA GLY A 7 0.32 -8.52 17.20
C GLY A 7 -0.02 -7.67 16.00
N SER A 8 -0.96 -8.13 15.19
CA SER A 8 -1.38 -7.42 13.99
C SER A 8 -2.31 -6.26 14.34
N SER A 9 -1.95 -5.06 13.92
CA SER A 9 -2.75 -3.87 14.19
C SER A 9 -2.68 -2.89 13.03
N PRO A 10 -3.82 -2.23 12.74
CA PRO A 10 -3.90 -1.25 11.66
C PRO A 10 -3.12 0.03 11.97
N SER A 11 -1.90 0.10 11.46
CA SER A 11 -1.04 1.26 11.68
C SER A 11 -0.59 1.85 10.36
N LEU A 12 0.21 1.10 9.61
CA LEU A 12 0.72 1.54 8.32
C LEU A 12 -0.37 1.49 7.26
N LEU A 13 -1.32 0.58 7.43
CA LEU A 13 -2.43 0.43 6.49
C LEU A 13 -3.43 1.55 6.66
N GLU A 14 -3.59 2.03 7.88
CA GLU A 14 -4.53 3.12 8.18
C GLU A 14 -4.45 4.20 7.10
N PRO A 15 -3.25 4.78 6.94
CA PRO A 15 -3.02 5.84 5.95
C PRO A 15 -3.08 5.33 4.52
N LEU A 16 -2.53 4.14 4.30
CA LEU A 16 -2.53 3.52 2.97
C LEU A 16 -3.93 3.03 2.60
N LEU A 17 -4.81 2.97 3.58
CA LEU A 17 -6.18 2.52 3.35
C LEU A 17 -7.11 3.71 3.14
N ALA A 18 -7.01 4.70 4.03
CA ALA A 18 -7.83 5.89 3.94
C ALA A 18 -7.57 6.66 2.66
N MET A 19 -6.42 6.39 2.04
CA MET A 19 -6.04 7.07 0.80
C MET A 19 -6.82 6.49 -0.38
N GLY A 20 -7.25 5.24 -0.25
CA GLY A 20 -8.00 4.60 -1.32
C GLY A 20 -7.42 3.25 -1.70
N PHE A 21 -6.13 3.06 -1.44
CA PHE A 21 -5.46 1.81 -1.75
C PHE A 21 -5.96 0.67 -0.86
N PRO A 22 -6.14 -0.51 -1.46
CA PRO A 22 -6.62 -1.69 -0.74
C PRO A 22 -5.57 -2.23 0.25
N VAL A 23 -5.78 -3.47 0.69
CA VAL A 23 -4.86 -4.11 1.63
C VAL A 23 -3.72 -4.79 0.89
N HIS A 24 -4.06 -5.75 0.04
CA HIS A 24 -3.06 -6.49 -0.73
C HIS A 24 -2.04 -5.54 -1.36
N THR A 25 -2.52 -4.38 -1.80
CA THR A 25 -1.65 -3.38 -2.41
C THR A 25 -0.80 -2.66 -1.36
N ALA A 26 -1.47 -2.03 -0.40
CA ALA A 26 -0.79 -1.31 0.67
C ALA A 26 0.32 -2.17 1.29
N LEU A 27 0.07 -3.47 1.36
CA LEU A 27 1.02 -4.41 1.95
C LEU A 27 2.26 -4.52 1.07
N LYS A 28 2.06 -4.64 -0.24
CA LYS A 28 3.15 -4.74 -1.19
C LYS A 28 4.08 -3.54 -1.09
N ALA A 29 3.51 -2.34 -1.13
CA ALA A 29 4.29 -1.11 -1.04
C ALA A 29 5.01 -1.03 0.30
N LEU A 30 4.34 -1.45 1.36
CA LEU A 30 4.92 -1.42 2.70
C LEU A 30 6.11 -2.36 2.80
N ALA A 31 5.85 -3.66 2.62
CA ALA A 31 6.91 -4.66 2.69
C ALA A 31 8.01 -4.38 1.68
N ALA A 32 7.67 -3.60 0.65
CA ALA A 32 8.64 -3.25 -0.38
C ALA A 32 9.57 -2.14 0.09
N THR A 33 9.00 -1.04 0.56
CA THR A 33 9.78 0.08 1.04
C THR A 33 10.50 -0.27 2.35
N GLY A 34 10.12 -1.39 2.95
CA GLY A 34 10.74 -1.82 4.20
C GLY A 34 10.00 -1.31 5.41
N ARG A 35 8.67 -1.36 5.36
CA ARG A 35 7.84 -0.89 6.46
C ARG A 35 8.48 0.31 7.15
N LYS A 36 8.77 1.35 6.37
CA LYS A 36 9.38 2.55 6.90
C LYS A 36 8.31 3.55 7.34
N THR A 37 7.58 4.10 6.37
CA THR A 37 6.53 5.07 6.66
C THR A 37 5.48 5.08 5.55
N ALA A 38 4.22 5.21 5.94
CA ALA A 38 3.12 5.26 4.98
C ALA A 38 3.55 5.94 3.68
N GLU A 39 4.12 7.14 3.80
CA GLU A 39 4.56 7.90 2.65
C GLU A 39 5.37 7.01 1.70
N GLU A 40 6.44 6.41 2.22
CA GLU A 40 7.29 5.55 1.42
C GLU A 40 6.46 4.65 0.51
N ALA A 41 5.35 4.14 1.04
CA ALA A 41 4.47 3.27 0.27
C ALA A 41 3.87 4.01 -0.93
N LEU A 42 3.56 5.28 -0.73
CA LEU A 42 2.99 6.10 -1.80
C LEU A 42 3.98 6.29 -2.93
N ALA A 43 5.26 6.42 -2.58
CA ALA A 43 6.32 6.60 -3.58
C ALA A 43 6.54 5.33 -4.38
N TRP A 44 6.16 4.20 -3.80
CA TRP A 44 6.33 2.90 -4.46
C TRP A 44 5.08 2.55 -5.27
N LEU A 45 3.92 2.98 -4.78
CA LEU A 45 2.66 2.71 -5.46
C LEU A 45 2.54 3.55 -6.73
N HIS A 46 2.94 4.81 -6.64
CA HIS A 46 2.88 5.72 -7.78
C HIS A 46 3.84 5.27 -8.89
N ASP A 47 4.72 4.34 -8.55
CA ASP A 47 5.69 3.83 -9.51
C ASP A 47 5.39 2.38 -9.88
N HIS A 48 4.79 1.65 -8.94
CA HIS A 48 4.45 0.26 -9.15
C HIS A 48 2.94 0.07 -9.25
N CYS A 49 2.28 0.98 -9.95
CA CYS A 49 0.83 0.92 -10.10
C CYS A 49 0.45 0.34 -11.47
N ASN A 50 1.18 0.74 -12.50
CA ASN A 50 0.92 0.26 -13.86
C ASN A 50 1.95 -0.79 -14.27
N ASP A 51 1.63 -2.05 -13.99
CA ASP A 51 2.52 -3.16 -14.34
C ASP A 51 1.71 -4.38 -14.78
N PRO A 52 2.26 -5.12 -15.76
CA PRO A 52 1.62 -6.32 -16.30
C PRO A 52 1.62 -7.47 -15.30
N SER A 53 2.27 -7.26 -14.17
CA SER A 53 2.35 -8.28 -13.13
C SER A 53 1.54 -7.87 -11.90
N LEU A 54 1.12 -6.62 -11.87
CA LEU A 54 0.34 -6.10 -10.76
C LEU A 54 -1.11 -5.84 -11.18
N ASP A 55 -1.27 -5.23 -12.34
CA ASP A 55 -2.61 -4.93 -12.85
C ASP A 55 -3.47 -4.25 -11.79
N ASP A 56 -2.84 -3.38 -10.99
CA ASP A 56 -3.55 -2.67 -9.94
C ASP A 56 -4.93 -2.24 -10.41
N PRO A 57 -5.92 -2.33 -9.50
CA PRO A 57 -7.31 -1.95 -9.80
C PRO A 57 -7.48 -0.45 -9.97
N ILE A 58 -6.67 0.32 -9.23
CA ILE A 58 -6.73 1.77 -9.30
C ILE A 58 -6.49 2.27 -10.72
N SER A 59 -5.50 1.68 -11.39
CA SER A 59 -5.17 2.06 -12.75
C SER A 59 -6.44 2.34 -13.55
N GLY A 60 -7.34 1.37 -13.59
CA GLY A 60 -8.57 1.53 -14.33
C GLY A 60 -8.55 0.84 -15.67
N PRO A 61 -8.83 -0.47 -15.68
CA PRO A 61 -8.84 -1.28 -16.91
C PRO A 61 -10.00 -0.93 -17.82
N SER A 62 -9.95 -1.43 -19.05
CA SER A 62 -11.00 -1.16 -20.03
C SER A 62 -12.13 -2.18 -19.90
N SER A 63 -11.77 -3.45 -19.86
CA SER A 63 -12.75 -4.53 -19.75
C SER A 63 -13.05 -4.84 -18.29
N GLY A 64 -11.99 -5.10 -17.52
CA GLY A 64 -12.15 -5.41 -16.11
C GLY A 64 -11.61 -6.78 -15.76
N GLY A 1 -5.31 -10.11 25.00
CA GLY A 1 -5.12 -11.13 23.98
C GLY A 1 -3.66 -11.35 23.64
N SER A 2 -3.41 -11.98 22.49
CA SER A 2 -2.06 -12.25 22.05
C SER A 2 -1.31 -10.96 21.74
N SER A 3 -0.17 -10.76 22.39
CA SER A 3 0.63 -9.56 22.18
C SER A 3 2.06 -9.92 21.79
N GLY A 4 2.47 -9.53 20.59
CA GLY A 4 3.81 -9.83 20.12
C GLY A 4 3.99 -9.51 18.65
N SER A 5 5.02 -10.12 18.04
CA SER A 5 5.29 -9.90 16.63
C SER A 5 4.48 -10.85 15.76
N SER A 6 3.20 -11.00 16.11
CA SER A 6 2.30 -11.88 15.36
C SER A 6 1.70 -11.14 14.17
N GLY A 7 1.77 -11.78 13.00
CA GLY A 7 1.22 -11.17 11.79
C GLY A 7 1.64 -9.72 11.63
N SER A 8 0.71 -8.87 11.21
CA SER A 8 0.99 -7.45 11.00
C SER A 8 -0.23 -6.61 11.33
N SER A 9 0.02 -5.44 11.93
CA SER A 9 -1.05 -4.53 12.30
C SER A 9 -1.35 -3.55 11.18
N PRO A 10 -2.63 -3.17 11.05
CA PRO A 10 -3.07 -2.24 10.02
C PRO A 10 -2.58 -0.82 10.27
N SER A 11 -1.83 -0.64 11.35
CA SER A 11 -1.30 0.67 11.71
C SER A 11 -0.81 1.42 10.47
N LEU A 12 0.08 0.77 9.71
CA LEU A 12 0.62 1.38 8.50
C LEU A 12 -0.43 1.40 7.39
N LEU A 13 -1.41 0.50 7.48
CA LEU A 13 -2.47 0.42 6.48
C LEU A 13 -3.46 1.57 6.65
N GLU A 14 -3.59 2.06 7.88
CA GLU A 14 -4.50 3.16 8.18
C GLU A 14 -4.43 4.23 7.09
N PRO A 15 -3.23 4.79 6.87
CA PRO A 15 -3.01 5.82 5.87
C PRO A 15 -3.12 5.28 4.45
N LEU A 16 -2.59 4.08 4.23
CA LEU A 16 -2.62 3.46 2.91
C LEU A 16 -4.03 2.98 2.58
N LEU A 17 -4.90 2.95 3.59
CA LEU A 17 -6.29 2.52 3.39
C LEU A 17 -7.20 3.73 3.20
N ALA A 18 -7.04 4.74 4.03
CA ALA A 18 -7.85 5.94 3.94
C ALA A 18 -7.60 6.68 2.63
N MET A 19 -6.43 6.44 2.03
CA MET A 19 -6.08 7.08 0.77
C MET A 19 -6.88 6.47 -0.38
N GLY A 20 -7.31 5.23 -0.21
CA GLY A 20 -8.08 4.56 -1.24
C GLY A 20 -7.51 3.21 -1.61
N PHE A 21 -6.21 3.05 -1.40
CA PHE A 21 -5.53 1.79 -1.72
C PHE A 21 -5.99 0.68 -0.78
N PRO A 22 -6.19 -0.52 -1.34
CA PRO A 22 -6.63 -1.69 -0.57
C PRO A 22 -5.55 -2.21 0.37
N VAL A 23 -5.72 -3.43 0.85
CA VAL A 23 -4.75 -4.05 1.74
C VAL A 23 -3.64 -4.75 0.97
N HIS A 24 -4.03 -5.72 0.15
CA HIS A 24 -3.07 -6.47 -0.65
C HIS A 24 -2.07 -5.54 -1.31
N THR A 25 -2.53 -4.35 -1.69
CA THR A 25 -1.67 -3.37 -2.33
C THR A 25 -0.78 -2.67 -1.31
N ALA A 26 -1.39 -1.98 -0.35
CA ALA A 26 -0.65 -1.28 0.68
C ALA A 26 0.45 -2.15 1.27
N LEU A 27 0.18 -3.45 1.34
CA LEU A 27 1.15 -4.40 1.88
C LEU A 27 2.36 -4.54 0.95
N LYS A 28 2.09 -4.61 -0.35
CA LYS A 28 3.15 -4.75 -1.34
C LYS A 28 4.13 -3.57 -1.25
N ALA A 29 3.60 -2.35 -1.24
CA ALA A 29 4.41 -1.16 -1.15
C ALA A 29 5.16 -1.10 0.17
N LEU A 30 4.48 -1.51 1.24
CA LEU A 30 5.08 -1.49 2.58
C LEU A 30 6.28 -2.44 2.65
N ALA A 31 6.05 -3.69 2.26
CA ALA A 31 7.11 -4.70 2.27
C ALA A 31 8.24 -4.31 1.32
N ALA A 32 7.89 -3.68 0.21
CA ALA A 32 8.87 -3.26 -0.77
C ALA A 32 9.76 -2.15 -0.22
N THR A 33 9.13 -1.10 0.30
CA THR A 33 9.87 0.03 0.87
C THR A 33 10.66 -0.38 2.09
N GLY A 34 10.00 -1.09 3.00
CA GLY A 34 10.67 -1.55 4.22
C GLY A 34 9.94 -1.12 5.48
N ARG A 35 8.61 -1.17 5.43
CA ARG A 35 7.79 -0.79 6.58
C ARG A 35 8.41 0.39 7.32
N LYS A 36 8.92 1.36 6.58
CA LYS A 36 9.54 2.53 7.17
C LYS A 36 8.49 3.57 7.52
N THR A 37 7.79 4.09 6.51
CA THR A 37 6.76 5.10 6.72
C THR A 37 5.63 4.93 5.72
N ALA A 38 4.43 5.35 6.11
CA ALA A 38 3.26 5.27 5.24
C ALA A 38 3.53 5.93 3.90
N GLU A 39 4.22 7.06 3.94
CA GLU A 39 4.54 7.80 2.71
C GLU A 39 5.32 6.93 1.74
N GLU A 40 6.38 6.31 2.23
CA GLU A 40 7.21 5.45 1.39
C GLU A 40 6.35 4.61 0.44
N ALA A 41 5.30 4.01 0.99
CA ALA A 41 4.39 3.18 0.20
C ALA A 41 3.86 3.96 -1.00
N LEU A 42 3.46 5.21 -0.77
CA LEU A 42 2.93 6.05 -1.82
C LEU A 42 3.95 6.23 -2.94
N ALA A 43 5.21 6.39 -2.57
CA ALA A 43 6.28 6.57 -3.54
C ALA A 43 6.50 5.30 -4.36
N TRP A 44 6.17 4.16 -3.76
CA TRP A 44 6.33 2.87 -4.43
C TRP A 44 5.09 2.52 -5.25
N LEU A 45 3.94 3.04 -4.82
CA LEU A 45 2.68 2.79 -5.52
C LEU A 45 2.55 3.66 -6.76
N HIS A 46 3.09 4.88 -6.67
CA HIS A 46 3.04 5.81 -7.79
C HIS A 46 3.92 5.34 -8.94
N ASP A 47 4.88 4.47 -8.62
CA ASP A 47 5.79 3.94 -9.63
C ASP A 47 5.33 2.56 -10.10
N HIS A 48 4.72 1.80 -9.19
CA HIS A 48 4.24 0.46 -9.51
C HIS A 48 2.85 0.52 -10.12
N CYS A 49 1.94 1.23 -9.44
CA CYS A 49 0.57 1.36 -9.91
C CYS A 49 0.51 1.40 -11.42
N ASN A 50 1.48 2.07 -12.04
CA ASN A 50 1.54 2.18 -13.49
C ASN A 50 2.16 0.93 -14.10
N ASP A 51 1.42 -0.18 -14.06
CA ASP A 51 1.89 -1.44 -14.62
C ASP A 51 0.73 -2.25 -15.19
N PRO A 52 1.04 -3.12 -16.16
CA PRO A 52 0.04 -3.96 -16.82
C PRO A 52 -0.49 -5.05 -15.89
N SER A 53 0.34 -5.49 -14.95
CA SER A 53 -0.04 -6.53 -14.01
C SER A 53 -0.19 -5.95 -12.60
N LEU A 54 -1.30 -5.25 -12.37
CA LEU A 54 -1.55 -4.64 -11.07
C LEU A 54 -3.05 -4.34 -10.90
N ASP A 55 -3.71 -5.15 -10.08
CA ASP A 55 -5.14 -4.97 -9.82
C ASP A 55 -5.36 -4.08 -8.61
N ASP A 56 -6.03 -2.95 -8.83
CA ASP A 56 -6.31 -2.00 -7.76
C ASP A 56 -7.60 -1.23 -8.04
N PRO A 57 -8.26 -0.77 -6.96
CA PRO A 57 -9.50 -0.01 -7.06
C PRO A 57 -9.29 1.38 -7.66
N ILE A 58 -8.03 1.79 -7.78
CA ILE A 58 -7.70 3.09 -8.34
C ILE A 58 -8.41 3.31 -9.68
N SER A 59 -9.53 4.03 -9.63
CA SER A 59 -10.31 4.30 -10.83
C SER A 59 -10.81 5.74 -10.83
N GLY A 60 -10.40 6.51 -11.83
CA GLY A 60 -10.82 7.90 -11.93
C GLY A 60 -10.33 8.73 -10.76
N PRO A 61 -9.08 9.21 -10.84
CA PRO A 61 -8.47 10.03 -9.79
C PRO A 61 -9.10 11.42 -9.69
N SER A 62 -8.55 12.25 -8.82
CA SER A 62 -9.06 13.60 -8.63
C SER A 62 -8.32 14.59 -9.51
N SER A 63 -8.98 15.07 -10.57
CA SER A 63 -8.37 16.02 -11.49
C SER A 63 -9.44 16.79 -12.25
N GLY A 64 -9.21 18.09 -12.42
CA GLY A 64 -10.16 18.93 -13.12
C GLY A 64 -11.03 19.74 -12.18
N GLY A 1 13.98 0.03 16.14
CA GLY A 1 12.56 0.14 16.44
C GLY A 1 12.02 -1.06 17.18
N SER A 2 10.85 -0.90 17.79
CA SER A 2 10.23 -1.99 18.54
C SER A 2 8.71 -1.97 18.36
N SER A 3 8.07 -3.09 18.66
CA SER A 3 6.62 -3.20 18.53
C SER A 3 6.12 -4.52 19.12
N GLY A 4 4.81 -4.68 19.20
CA GLY A 4 4.23 -5.89 19.73
C GLY A 4 4.79 -7.13 19.08
N SER A 5 4.27 -8.30 19.47
CA SER A 5 4.72 -9.57 18.92
C SER A 5 4.72 -9.53 17.40
N SER A 6 5.29 -10.56 16.78
CA SER A 6 5.36 -10.65 15.33
C SER A 6 3.96 -10.75 14.73
N GLY A 7 3.78 -10.13 13.57
CA GLY A 7 2.49 -10.15 12.92
C GLY A 7 2.32 -9.02 11.92
N SER A 8 1.09 -8.54 11.77
CA SER A 8 0.80 -7.45 10.84
C SER A 8 -0.35 -6.60 11.35
N SER A 9 -0.04 -5.35 11.71
CA SER A 9 -1.04 -4.43 12.21
C SER A 9 -1.47 -3.45 11.14
N PRO A 10 -2.77 -3.09 11.14
CA PRO A 10 -3.34 -2.15 10.17
C PRO A 10 -2.84 -0.73 10.37
N SER A 11 -1.95 -0.55 11.35
CA SER A 11 -1.40 0.77 11.64
C SER A 11 -0.82 1.41 10.39
N LEU A 12 0.02 0.67 9.69
CA LEU A 12 0.65 1.15 8.46
C LEU A 12 -0.35 1.22 7.32
N LEU A 13 -1.40 0.40 7.41
CA LEU A 13 -2.44 0.36 6.39
C LEU A 13 -3.43 1.50 6.58
N GLU A 14 -3.54 1.99 7.81
CA GLU A 14 -4.46 3.09 8.11
C GLU A 14 -4.40 4.17 7.03
N PRO A 15 -3.19 4.72 6.83
CA PRO A 15 -2.97 5.77 5.83
C PRO A 15 -3.08 5.24 4.41
N LEU A 16 -2.56 4.04 4.18
CA LEU A 16 -2.60 3.43 2.86
C LEU A 16 -4.02 2.96 2.51
N LEU A 17 -4.87 2.92 3.53
CA LEU A 17 -6.25 2.50 3.34
C LEU A 17 -7.18 3.69 3.15
N ALA A 18 -7.02 4.69 4.02
CA ALA A 18 -7.83 5.89 3.94
C ALA A 18 -7.58 6.66 2.65
N MET A 19 -6.42 6.42 2.05
CA MET A 19 -6.05 7.08 0.81
C MET A 19 -6.82 6.50 -0.37
N GLY A 20 -7.25 5.25 -0.23
CA GLY A 20 -7.99 4.59 -1.29
C GLY A 20 -7.43 3.23 -1.64
N PHE A 21 -6.12 3.08 -1.49
CA PHE A 21 -5.45 1.81 -1.79
C PHE A 21 -5.95 0.70 -0.86
N PRO A 22 -6.14 -0.50 -1.42
CA PRO A 22 -6.61 -1.66 -0.67
C PRO A 22 -5.56 -2.18 0.31
N VAL A 23 -5.76 -3.40 0.79
CA VAL A 23 -4.83 -4.02 1.73
C VAL A 23 -3.68 -4.71 0.99
N HIS A 24 -4.03 -5.67 0.15
CA HIS A 24 -3.03 -6.42 -0.62
C HIS A 24 -2.03 -5.46 -1.28
N THR A 25 -2.54 -4.33 -1.76
CA THR A 25 -1.69 -3.34 -2.41
C THR A 25 -0.82 -2.60 -1.39
N ALA A 26 -1.47 -1.98 -0.41
CA ALA A 26 -0.75 -1.24 0.63
C ALA A 26 0.34 -2.10 1.24
N LEU A 27 0.10 -3.40 1.34
CA LEU A 27 1.07 -4.32 1.92
C LEU A 27 2.29 -4.46 1.02
N LYS A 28 2.04 -4.62 -0.28
CA LYS A 28 3.12 -4.77 -1.26
C LYS A 28 4.09 -3.60 -1.17
N ALA A 29 3.55 -2.38 -1.18
CA ALA A 29 4.37 -1.18 -1.10
C ALA A 29 5.15 -1.14 0.21
N LEU A 30 4.47 -1.45 1.30
CA LEU A 30 5.10 -1.45 2.62
C LEU A 30 6.27 -2.42 2.67
N ALA A 31 6.02 -3.66 2.29
CA ALA A 31 7.07 -4.69 2.27
C ALA A 31 8.21 -4.30 1.34
N ALA A 32 7.86 -3.69 0.21
CA ALA A 32 8.86 -3.26 -0.77
C ALA A 32 9.78 -2.20 -0.18
N THR A 33 9.21 -1.06 0.21
CA THR A 33 9.97 0.03 0.78
C THR A 33 10.77 -0.43 1.99
N GLY A 34 10.08 -1.06 2.94
CA GLY A 34 10.74 -1.54 4.14
C GLY A 34 10.03 -1.11 5.41
N ARG A 35 8.70 -1.24 5.41
CA ARG A 35 7.90 -0.86 6.56
C ARG A 35 8.49 0.37 7.25
N LYS A 36 8.97 1.32 6.45
CA LYS A 36 9.56 2.54 6.99
C LYS A 36 8.48 3.51 7.42
N THR A 37 7.70 4.01 6.46
CA THR A 37 6.63 4.95 6.76
C THR A 37 5.48 4.81 5.77
N ALA A 38 4.35 5.44 6.07
CA ALA A 38 3.18 5.38 5.20
C ALA A 38 3.46 6.06 3.87
N GLU A 39 4.26 7.13 3.90
CA GLU A 39 4.60 7.87 2.69
C GLU A 39 5.38 6.99 1.72
N GLU A 40 6.47 6.41 2.21
CA GLU A 40 7.31 5.55 1.38
C GLU A 40 6.46 4.67 0.48
N ALA A 41 5.38 4.12 1.04
CA ALA A 41 4.48 3.26 0.28
C ALA A 41 3.89 4.00 -0.91
N LEU A 42 3.54 5.27 -0.71
CA LEU A 42 2.96 6.08 -1.77
C LEU A 42 3.95 6.26 -2.92
N ALA A 43 5.22 6.41 -2.59
CA ALA A 43 6.26 6.58 -3.59
C ALA A 43 6.48 5.29 -4.38
N TRP A 44 6.13 4.16 -3.77
CA TRP A 44 6.30 2.86 -4.42
C TRP A 44 5.04 2.48 -5.19
N LEU A 45 3.90 3.01 -4.75
CA LEU A 45 2.62 2.73 -5.41
C LEU A 45 2.45 3.57 -6.67
N HIS A 46 2.97 4.79 -6.62
CA HIS A 46 2.88 5.70 -7.76
C HIS A 46 3.85 5.28 -8.86
N ASP A 47 4.76 4.38 -8.54
CA ASP A 47 5.74 3.90 -9.51
C ASP A 47 5.42 2.48 -9.96
N HIS A 48 4.63 1.78 -9.14
CA HIS A 48 4.23 0.40 -9.47
C HIS A 48 2.83 0.37 -10.07
N CYS A 49 1.91 1.08 -9.44
CA CYS A 49 0.52 1.14 -9.92
C CYS A 49 0.48 1.20 -11.45
N ASN A 50 1.21 2.16 -12.01
CA ASN A 50 1.24 2.33 -13.46
C ASN A 50 1.38 0.99 -14.16
N ASP A 51 2.21 0.11 -13.60
CA ASP A 51 2.43 -1.21 -14.17
C ASP A 51 1.10 -1.87 -14.55
N PRO A 52 1.09 -2.57 -15.69
CA PRO A 52 -0.09 -3.26 -16.19
C PRO A 52 -0.48 -4.46 -15.33
N SER A 53 0.47 -4.92 -14.52
CA SER A 53 0.24 -6.07 -13.65
C SER A 53 -0.48 -5.65 -12.37
N LEU A 54 -0.54 -4.35 -12.14
CA LEU A 54 -1.20 -3.81 -10.96
C LEU A 54 -2.31 -2.83 -11.35
N ASP A 55 -3.50 -3.37 -11.58
CA ASP A 55 -4.65 -2.55 -11.96
C ASP A 55 -5.44 -2.12 -10.73
N ASP A 56 -5.69 -0.82 -10.61
CA ASP A 56 -6.44 -0.29 -9.48
C ASP A 56 -7.87 0.01 -9.87
N PRO A 57 -8.81 -0.23 -8.93
CA PRO A 57 -10.23 0.00 -9.16
C PRO A 57 -10.57 1.48 -9.26
N ILE A 58 -9.77 2.32 -8.62
CA ILE A 58 -9.99 3.76 -8.65
C ILE A 58 -10.33 4.24 -10.05
N SER A 59 -11.21 5.23 -10.13
CA SER A 59 -11.63 5.78 -11.42
C SER A 59 -11.15 7.21 -11.58
N GLY A 60 -10.30 7.46 -12.57
CA GLY A 60 -9.79 8.79 -12.81
C GLY A 60 -8.52 8.78 -13.65
N PRO A 61 -7.44 8.26 -13.07
CA PRO A 61 -6.13 8.18 -13.75
C PRO A 61 -6.14 7.16 -14.89
N SER A 62 -6.95 6.12 -14.76
CA SER A 62 -7.05 5.09 -15.77
C SER A 62 -8.16 5.39 -16.76
N SER A 63 -8.03 4.90 -17.98
CA SER A 63 -9.03 5.12 -19.02
C SER A 63 -10.33 4.40 -18.68
N GLY A 64 -11.38 5.16 -18.44
CA GLY A 64 -12.67 4.58 -18.11
C GLY A 64 -13.43 5.41 -17.11
N GLY A 1 -5.30 10.13 16.84
CA GLY A 1 -4.11 10.42 17.62
C GLY A 1 -2.98 9.47 17.32
N SER A 2 -1.88 9.60 18.07
CA SER A 2 -0.71 8.75 17.88
C SER A 2 -0.66 7.64 18.93
N SER A 3 -1.30 6.52 18.62
CA SER A 3 -1.33 5.38 19.55
C SER A 3 -0.26 4.36 19.19
N GLY A 4 0.19 3.61 20.18
CA GLY A 4 1.21 2.61 19.96
C GLY A 4 0.79 1.57 18.93
N SER A 5 1.68 0.63 18.65
CA SER A 5 1.40 -0.42 17.67
C SER A 5 2.12 -1.72 18.04
N SER A 6 1.37 -2.69 18.55
CA SER A 6 1.94 -3.97 18.94
C SER A 6 1.36 -5.10 18.09
N GLY A 7 2.07 -6.23 18.07
CA GLY A 7 1.61 -7.37 17.30
C GLY A 7 1.04 -6.97 15.95
N SER A 8 -0.06 -7.61 15.55
CA SER A 8 -0.69 -7.31 14.28
C SER A 8 -1.80 -6.27 14.45
N SER A 9 -1.43 -5.01 14.30
CA SER A 9 -2.38 -3.91 14.44
C SER A 9 -2.28 -2.94 13.25
N PRO A 10 -3.43 -2.39 12.85
CA PRO A 10 -3.50 -1.45 11.72
C PRO A 10 -2.86 -0.10 12.06
N SER A 11 -1.67 0.13 11.52
CA SER A 11 -0.95 1.38 11.76
C SER A 11 -0.47 1.99 10.46
N LEU A 12 0.27 1.23 9.67
CA LEU A 12 0.79 1.70 8.39
C LEU A 12 -0.29 1.64 7.32
N LEU A 13 -1.19 0.67 7.45
CA LEU A 13 -2.27 0.50 6.48
C LEU A 13 -3.33 1.60 6.65
N GLU A 14 -3.48 2.08 7.88
CA GLU A 14 -4.46 3.12 8.17
C GLU A 14 -4.42 4.20 7.09
N PRO A 15 -3.24 4.81 6.90
CA PRO A 15 -3.06 5.87 5.90
C PRO A 15 -3.12 5.34 4.47
N LEU A 16 -2.54 4.17 4.26
CA LEU A 16 -2.54 3.54 2.94
C LEU A 16 -3.93 3.00 2.58
N LEU A 17 -4.79 2.93 3.58
CA LEU A 17 -6.15 2.43 3.37
C LEU A 17 -7.13 3.59 3.19
N ALA A 18 -7.06 4.57 4.09
CA ALA A 18 -7.94 5.73 4.02
C ALA A 18 -7.69 6.53 2.75
N MET A 19 -6.54 6.30 2.13
CA MET A 19 -6.18 7.00 0.90
C MET A 19 -6.94 6.42 -0.30
N GLY A 20 -7.34 5.16 -0.18
CA GLY A 20 -8.06 4.51 -1.26
C GLY A 20 -7.49 3.15 -1.59
N PHE A 21 -6.18 2.99 -1.42
CA PHE A 21 -5.51 1.73 -1.72
C PHE A 21 -6.00 0.63 -0.77
N PRO A 22 -6.20 -0.57 -1.32
CA PRO A 22 -6.66 -1.73 -0.55
C PRO A 22 -5.59 -2.25 0.41
N VAL A 23 -5.79 -3.47 0.89
CA VAL A 23 -4.84 -4.09 1.81
C VAL A 23 -3.70 -4.75 1.06
N HIS A 24 -4.05 -5.66 0.14
CA HIS A 24 -3.05 -6.37 -0.64
C HIS A 24 -2.10 -5.39 -1.34
N THR A 25 -2.64 -4.26 -1.75
CA THR A 25 -1.85 -3.24 -2.43
C THR A 25 -0.94 -2.51 -1.45
N ALA A 26 -1.52 -1.97 -0.39
CA ALA A 26 -0.76 -1.25 0.62
C ALA A 26 0.35 -2.11 1.19
N LEU A 27 0.08 -3.41 1.33
CA LEU A 27 1.05 -4.35 1.86
C LEU A 27 2.23 -4.52 0.90
N LYS A 28 1.94 -4.49 -0.39
CA LYS A 28 2.97 -4.64 -1.42
C LYS A 28 4.04 -3.57 -1.26
N ALA A 29 3.63 -2.30 -1.29
CA ALA A 29 4.56 -1.19 -1.15
C ALA A 29 5.25 -1.23 0.21
N LEU A 30 4.51 -1.62 1.24
CA LEU A 30 5.05 -1.70 2.59
C LEU A 30 6.23 -2.67 2.65
N ALA A 31 5.99 -3.91 2.23
CA ALA A 31 7.02 -4.94 2.23
C ALA A 31 8.16 -4.56 1.28
N ALA A 32 7.81 -3.92 0.17
CA ALA A 32 8.80 -3.51 -0.81
C ALA A 32 9.74 -2.46 -0.25
N THR A 33 9.16 -1.40 0.32
CA THR A 33 9.95 -0.32 0.90
C THR A 33 10.65 -0.77 2.17
N GLY A 34 9.86 -1.21 3.16
CA GLY A 34 10.44 -1.66 4.41
C GLY A 34 9.64 -1.20 5.61
N ARG A 35 8.31 -1.29 5.51
CA ARG A 35 7.43 -0.87 6.59
C ARG A 35 8.01 0.33 7.33
N LYS A 36 8.49 1.30 6.57
CA LYS A 36 9.07 2.51 7.15
C LYS A 36 7.99 3.52 7.49
N THR A 37 7.13 3.83 6.52
CA THR A 37 6.05 4.78 6.72
C THR A 37 5.13 4.84 5.50
N ALA A 38 3.86 5.15 5.74
CA ALA A 38 2.88 5.23 4.67
C ALA A 38 3.47 5.94 3.45
N GLU A 39 3.93 7.17 3.65
CA GLU A 39 4.51 7.95 2.56
C GLU A 39 5.35 7.07 1.65
N GLU A 40 6.39 6.45 2.22
CA GLU A 40 7.27 5.58 1.45
C GLU A 40 6.47 4.68 0.51
N ALA A 41 5.41 4.08 1.04
CA ALA A 41 4.55 3.20 0.25
C ALA A 41 3.98 3.93 -0.96
N LEU A 42 3.48 5.14 -0.72
CA LEU A 42 2.89 5.94 -1.80
C LEU A 42 3.90 6.13 -2.94
N ALA A 43 5.16 6.27 -2.58
CA ALA A 43 6.22 6.46 -3.57
C ALA A 43 6.44 5.20 -4.39
N TRP A 44 6.19 4.04 -3.77
CA TRP A 44 6.37 2.76 -4.44
C TRP A 44 5.13 2.40 -5.24
N LEU A 45 3.99 2.94 -4.85
CA LEU A 45 2.73 2.68 -5.53
C LEU A 45 2.56 3.58 -6.75
N HIS A 46 3.09 4.80 -6.64
CA HIS A 46 3.01 5.76 -7.74
C HIS A 46 3.94 5.36 -8.88
N ASP A 47 4.94 4.55 -8.57
CA ASP A 47 5.89 4.09 -9.57
C ASP A 47 5.53 2.71 -10.09
N HIS A 48 4.90 1.91 -9.24
CA HIS A 48 4.49 0.56 -9.60
C HIS A 48 3.13 0.57 -10.29
N CYS A 49 2.17 1.25 -9.68
CA CYS A 49 0.83 1.34 -10.23
C CYS A 49 0.87 1.47 -11.74
N ASN A 50 1.84 2.21 -12.25
CA ASN A 50 1.99 2.42 -13.69
C ASN A 50 2.55 1.16 -14.35
N ASP A 51 1.71 0.14 -14.47
CA ASP A 51 2.12 -1.12 -15.09
C ASP A 51 0.92 -2.01 -15.34
N PRO A 52 0.96 -2.78 -16.45
CA PRO A 52 -0.12 -3.69 -16.82
C PRO A 52 -0.22 -4.89 -15.89
N SER A 53 0.93 -5.36 -15.43
CA SER A 53 0.99 -6.51 -14.53
C SER A 53 0.28 -6.19 -13.21
N LEU A 54 0.02 -4.92 -12.96
CA LEU A 54 -0.65 -4.48 -11.75
C LEU A 54 -2.03 -3.91 -12.06
N ASP A 55 -3.00 -4.79 -12.30
CA ASP A 55 -4.36 -4.37 -12.60
C ASP A 55 -4.97 -3.62 -11.43
N ASP A 56 -5.85 -2.66 -11.74
CA ASP A 56 -6.50 -1.87 -10.71
C ASP A 56 -7.66 -1.08 -11.28
N PRO A 57 -8.77 -1.01 -10.53
CA PRO A 57 -9.97 -0.27 -10.96
C PRO A 57 -9.76 1.23 -10.96
N ILE A 58 -9.17 1.75 -9.89
CA ILE A 58 -8.91 3.18 -9.77
C ILE A 58 -8.31 3.74 -11.06
N SER A 59 -7.19 3.16 -11.48
CA SER A 59 -6.52 3.60 -12.70
C SER A 59 -7.53 3.96 -13.78
N GLY A 60 -7.68 5.26 -14.02
CA GLY A 60 -8.61 5.73 -15.03
C GLY A 60 -7.95 5.96 -16.37
N PRO A 61 -7.54 7.22 -16.63
CA PRO A 61 -6.88 7.60 -17.88
C PRO A 61 -5.48 7.01 -18.00
N SER A 62 -5.39 5.84 -18.62
CA SER A 62 -4.10 5.17 -18.80
C SER A 62 -3.66 5.22 -20.26
N SER A 63 -2.37 5.06 -20.49
CA SER A 63 -1.82 5.09 -21.84
C SER A 63 -2.63 4.21 -22.77
N GLY A 64 -3.31 4.83 -23.73
CA GLY A 64 -4.12 4.09 -24.67
C GLY A 64 -5.25 4.92 -25.24
N GLY A 1 -2.63 -20.91 18.19
CA GLY A 1 -2.26 -22.09 18.94
C GLY A 1 -1.29 -21.79 20.05
N SER A 2 -1.14 -22.73 20.99
CA SER A 2 -0.23 -22.55 22.12
C SER A 2 1.08 -21.91 21.67
N SER A 3 1.69 -22.48 20.64
CA SER A 3 2.94 -21.97 20.11
C SER A 3 2.92 -20.45 20.03
N GLY A 4 1.89 -19.92 19.38
CA GLY A 4 1.77 -18.48 19.24
C GLY A 4 1.54 -18.06 17.80
N SER A 5 0.79 -16.97 17.61
CA SER A 5 0.50 -16.46 16.28
C SER A 5 1.18 -15.11 16.05
N SER A 6 1.05 -14.59 14.83
CA SER A 6 1.64 -13.31 14.49
C SER A 6 0.58 -12.33 14.01
N GLY A 7 0.83 -11.04 14.24
CA GLY A 7 -0.12 -10.01 13.83
C GLY A 7 0.38 -8.61 14.11
N SER A 8 -0.31 -7.62 13.55
CA SER A 8 0.08 -6.23 13.74
C SER A 8 -1.13 -5.30 13.58
N SER A 9 -1.40 -4.50 14.60
CA SER A 9 -2.53 -3.58 14.57
C SER A 9 -2.45 -2.68 13.33
N PRO A 10 -3.60 -2.11 12.95
CA PRO A 10 -3.70 -1.23 11.78
C PRO A 10 -3.01 0.12 12.02
N SER A 11 -1.77 0.23 11.55
CA SER A 11 -1.00 1.46 11.71
C SER A 11 -0.53 1.99 10.36
N LEU A 12 0.28 1.18 9.66
CA LEU A 12 0.79 1.57 8.36
C LEU A 12 -0.31 1.54 7.30
N LEU A 13 -1.22 0.58 7.44
CA LEU A 13 -2.33 0.45 6.50
C LEU A 13 -3.35 1.57 6.69
N GLU A 14 -3.49 2.03 7.93
CA GLU A 14 -4.43 3.11 8.23
C GLU A 14 -4.38 4.19 7.17
N PRO A 15 -3.19 4.79 6.97
CA PRO A 15 -2.98 5.84 5.99
C PRO A 15 -3.07 5.33 4.55
N LEU A 16 -2.52 4.15 4.32
CA LEU A 16 -2.54 3.54 2.99
C LEU A 16 -3.93 3.04 2.64
N LEU A 17 -4.80 2.97 3.64
CA LEU A 17 -6.17 2.52 3.43
C LEU A 17 -7.12 3.70 3.25
N ALA A 18 -7.00 4.69 4.12
CA ALA A 18 -7.84 5.89 4.05
C ALA A 18 -7.59 6.65 2.75
N MET A 19 -6.45 6.39 2.13
CA MET A 19 -6.10 7.06 0.88
C MET A 19 -6.90 6.48 -0.29
N GLY A 20 -7.35 5.25 -0.13
CA GLY A 20 -8.12 4.60 -1.18
C GLY A 20 -7.54 3.25 -1.58
N PHE A 21 -6.24 3.07 -1.36
CA PHE A 21 -5.56 1.84 -1.69
C PHE A 21 -6.03 0.69 -0.80
N PRO A 22 -6.24 -0.49 -1.39
CA PRO A 22 -6.70 -1.68 -0.67
C PRO A 22 -5.62 -2.23 0.26
N VAL A 23 -5.80 -3.47 0.70
CA VAL A 23 -4.85 -4.12 1.60
C VAL A 23 -3.74 -4.80 0.80
N HIS A 24 -4.11 -5.76 -0.03
CA HIS A 24 -3.14 -6.49 -0.84
C HIS A 24 -2.14 -5.54 -1.48
N THR A 25 -2.60 -4.33 -1.79
CA THR A 25 -1.74 -3.32 -2.41
C THR A 25 -0.84 -2.66 -1.38
N ALA A 26 -1.46 -2.00 -0.40
CA ALA A 26 -0.70 -1.33 0.66
C ALA A 26 0.38 -2.24 1.22
N LEU A 27 0.11 -3.54 1.25
CA LEU A 27 1.06 -4.51 1.77
C LEU A 27 2.25 -4.67 0.82
N LYS A 28 1.97 -4.63 -0.48
CA LYS A 28 3.02 -4.77 -1.48
C LYS A 28 4.10 -3.72 -1.28
N ALA A 29 3.69 -2.46 -1.19
CA ALA A 29 4.64 -1.36 -0.99
C ALA A 29 5.33 -1.47 0.36
N LEU A 30 4.55 -1.74 1.40
CA LEU A 30 5.09 -1.87 2.74
C LEU A 30 6.20 -2.91 2.79
N ALA A 31 5.87 -4.14 2.40
CA ALA A 31 6.84 -5.23 2.39
C ALA A 31 8.05 -4.87 1.54
N ALA A 32 7.83 -4.10 0.49
CA ALA A 32 8.91 -3.69 -0.39
C ALA A 32 9.76 -2.58 0.25
N THR A 33 9.19 -1.38 0.33
CA THR A 33 9.89 -0.25 0.92
C THR A 33 10.60 -0.65 2.21
N GLY A 34 9.83 -1.21 3.15
CA GLY A 34 10.41 -1.63 4.41
C GLY A 34 9.54 -1.22 5.59
N ARG A 35 8.23 -1.16 5.38
CA ARG A 35 7.30 -0.78 6.43
C ARG A 35 7.76 0.50 7.13
N LYS A 36 8.50 1.33 6.41
CA LYS A 36 9.01 2.58 6.96
C LYS A 36 7.86 3.49 7.38
N THR A 37 6.99 3.81 6.42
CA THR A 37 5.85 4.67 6.68
C THR A 37 4.93 4.76 5.47
N ALA A 38 3.70 5.24 5.69
CA ALA A 38 2.73 5.38 4.62
C ALA A 38 3.35 6.08 3.41
N GLU A 39 3.82 7.31 3.62
CA GLU A 39 4.43 8.08 2.54
C GLU A 39 5.29 7.19 1.65
N GLU A 40 6.29 6.55 2.25
CA GLU A 40 7.19 5.67 1.51
C GLU A 40 6.41 4.77 0.56
N ALA A 41 5.36 4.16 1.07
CA ALA A 41 4.52 3.28 0.27
C ALA A 41 3.97 4.00 -0.96
N LEU A 42 3.49 5.22 -0.75
CA LEU A 42 2.92 6.02 -1.83
C LEU A 42 3.94 6.18 -2.97
N ALA A 43 5.21 6.30 -2.59
CA ALA A 43 6.28 6.45 -3.57
C ALA A 43 6.46 5.19 -4.40
N TRP A 44 6.22 4.04 -3.78
CA TRP A 44 6.35 2.76 -4.46
C TRP A 44 5.09 2.43 -5.26
N LEU A 45 3.95 2.93 -4.79
CA LEU A 45 2.69 2.69 -5.47
C LEU A 45 2.56 3.55 -6.73
N HIS A 46 3.06 4.78 -6.64
CA HIS A 46 3.02 5.70 -7.77
C HIS A 46 3.94 5.24 -8.90
N ASP A 47 4.93 4.42 -8.54
CA ASP A 47 5.87 3.90 -9.52
C ASP A 47 5.45 2.52 -10.02
N HIS A 48 4.72 1.80 -9.18
CA HIS A 48 4.24 0.46 -9.54
C HIS A 48 2.86 0.53 -10.17
N CYS A 49 1.91 1.08 -9.43
CA CYS A 49 0.53 1.21 -9.92
C CYS A 49 0.50 1.47 -11.42
N ASN A 50 1.49 2.23 -11.90
CA ASN A 50 1.58 2.57 -13.32
C ASN A 50 1.39 1.32 -14.17
N ASP A 51 2.14 0.28 -13.87
CA ASP A 51 2.06 -0.98 -14.61
C ASP A 51 0.62 -1.46 -14.70
N PRO A 52 0.26 -2.07 -15.83
CA PRO A 52 -1.09 -2.59 -16.07
C PRO A 52 -1.40 -3.82 -15.21
N SER A 53 -0.35 -4.44 -14.70
CA SER A 53 -0.51 -5.63 -13.86
C SER A 53 -1.17 -5.28 -12.54
N LEU A 54 -1.21 -3.99 -12.22
CA LEU A 54 -1.83 -3.52 -10.99
C LEU A 54 -3.11 -2.75 -11.28
N ASP A 55 -4.20 -3.48 -11.46
CA ASP A 55 -5.50 -2.86 -11.74
C ASP A 55 -6.19 -2.42 -10.45
N ASP A 56 -6.60 -1.16 -10.40
CA ASP A 56 -7.26 -0.62 -9.23
C ASP A 56 -8.47 0.22 -9.63
N PRO A 57 -9.52 0.20 -8.80
CA PRO A 57 -10.76 0.95 -9.05
C PRO A 57 -10.55 2.45 -8.90
N ILE A 58 -9.34 2.85 -8.52
CA ILE A 58 -9.02 4.26 -8.35
C ILE A 58 -9.32 5.05 -9.62
N SER A 59 -10.35 5.89 -9.56
CA SER A 59 -10.74 6.71 -10.71
C SER A 59 -9.73 7.83 -10.94
N GLY A 60 -9.54 8.67 -9.94
CA GLY A 60 -8.60 9.78 -10.06
C GLY A 60 -7.71 9.92 -8.84
N PRO A 61 -6.47 10.35 -9.06
CA PRO A 61 -5.49 10.54 -7.98
C PRO A 61 -5.85 11.71 -7.07
N SER A 62 -6.11 11.42 -5.80
CA SER A 62 -6.46 12.45 -4.84
C SER A 62 -5.72 12.24 -3.52
N SER A 63 -5.15 13.32 -3.00
CA SER A 63 -4.39 13.26 -1.75
C SER A 63 -4.78 14.41 -0.83
N GLY A 64 -4.69 14.17 0.48
CA GLY A 64 -5.04 15.19 1.45
C GLY A 64 -3.88 15.55 2.35
#